data_8Q9X
#
_entry.id   8Q9X
#
_cell.length_a   66.840
_cell.length_b   96.570
_cell.length_c   147.450
_cell.angle_alpha   90.00
_cell.angle_beta   90.00
_cell.angle_gamma   90.00
#
_symmetry.space_group_name_H-M   'P 21 21 21'
#
loop_
_entity.id
_entity.type
_entity.pdbx_description
1 polymer 'Twin-arginine translocation signal domain-containing protein'
2 non-polymer GLYCEROL
3 non-polymer 'OXYGEN MOLECULE'
4 non-polymer 'COPPER (II) ION'
5 water water
#
_entity_poly.entity_id   1
_entity_poly.type   'polypeptide(L)'
_entity_poly.pdbx_seq_one_letter_code
;MGSDKIHHHHHHENLYFQGHMARTTKIEEFYAQFGKYILLVPGKFTGTVAAHDLSTGRTLAWLAGWNYGDTNPIMHHMAA
FPSPDPYKGFEFIVNTQGGKNLFIYGIPTTVKEPGEGFNIYRVRYDGTKFNLVSNIAEKTGLGLGVHVTATPDGKGFAVA
DGQKDIFAEFDLATESVRTAFLVDWKPNNSDLKRAWLEGGTMTITRLKPTLPGGKYDYTGTKGCKIDWELVPGGELFLEE
GKVTGTRQTNVVALDAFVYDPRGRWGALSARLPGVAIIFDRQDWEPVVALVGAKGEPSSLPVKKVASDTWEIKMDKVVTP
AHQAGFSPDGKNFLFMNGVRQNNIMVWDTSNHADPTKWTKKAVVEDPGWRGSYPNTFHMVFTPDGRKVYVTLWWPSPTPN
GIAVVDARNWKLLKSVDIGPDMHTLAITYDGKYVVGVFSGYQKTASGIVIMDTKSDEVVGILPSVGGHHDCVIVPKTVED
LRCSRCTTT
;
_entity_poly.pdbx_strand_id   A,B
#
# COMPACT_ATOMS: atom_id res chain seq x y z
N GLY A 19 -32.22 -15.69 -9.04
CA GLY A 19 -32.31 -15.97 -7.58
C GLY A 19 -30.93 -15.73 -7.04
N HIS A 20 -30.09 -15.20 -7.94
CA HIS A 20 -28.71 -15.01 -7.51
C HIS A 20 -28.51 -13.68 -6.74
N MET A 21 -29.50 -12.79 -6.74
CA MET A 21 -29.38 -11.49 -6.07
C MET A 21 -30.66 -11.18 -5.29
N ALA A 22 -31.00 -12.09 -4.37
CA ALA A 22 -32.27 -12.05 -3.66
C ALA A 22 -32.17 -11.18 -2.42
N ARG A 23 -30.96 -11.00 -1.86
CA ARG A 23 -30.80 -10.21 -0.65
C ARG A 23 -29.39 -9.67 -0.40
N THR A 24 -29.31 -8.62 0.42
CA THR A 24 -28.14 -7.96 0.94
C THR A 24 -27.49 -8.85 1.99
N THR A 25 -26.16 -8.94 2.04
CA THR A 25 -25.40 -9.74 3.01
C THR A 25 -24.46 -8.79 3.75
N LYS A 26 -24.38 -8.91 5.09
CA LYS A 26 -23.39 -8.17 5.87
C LYS A 26 -22.22 -9.07 6.16
N ILE A 27 -21.03 -8.47 6.30
CA ILE A 27 -19.82 -9.24 6.46
C ILE A 27 -19.57 -9.65 7.93
N GLU A 28 -20.39 -9.16 8.87
CA GLU A 28 -20.08 -9.41 10.26
C GLU A 28 -19.85 -10.88 10.56
N GLU A 29 -20.73 -11.80 10.14
CA GLU A 29 -20.53 -13.18 10.52
C GLU A 29 -19.23 -13.74 10.00
N PHE A 30 -18.79 -13.32 8.82
CA PHE A 30 -17.52 -13.73 8.26
C PHE A 30 -16.41 -13.36 9.24
N TYR A 31 -16.32 -12.09 9.66
CA TYR A 31 -15.21 -11.72 10.53
C TYR A 31 -15.35 -12.30 11.94
N ALA A 32 -16.59 -12.45 12.42
CA ALA A 32 -16.83 -12.89 13.79
C ALA A 32 -16.24 -14.26 14.03
N GLN A 33 -16.16 -15.09 13.00
CA GLN A 33 -15.68 -16.45 13.19
C GLN A 33 -14.21 -16.51 13.60
N PHE A 34 -13.44 -15.47 13.30
CA PHE A 34 -12.00 -15.61 13.42
C PHE A 34 -11.48 -15.36 14.82
N GLY A 35 -12.25 -14.71 15.69
CA GLY A 35 -11.74 -14.24 16.94
C GLY A 35 -10.90 -12.96 16.79
N LYS A 36 -10.29 -12.56 17.89
CA LYS A 36 -9.57 -11.29 17.99
C LYS A 36 -8.10 -11.51 17.69
N TYR A 37 -7.75 -11.37 16.42
CA TYR A 37 -6.39 -11.55 15.95
C TYR A 37 -6.06 -10.42 14.97
N ILE A 38 -4.81 -9.96 15.05
CA ILE A 38 -4.27 -8.90 14.21
C ILE A 38 -3.24 -9.50 13.27
N LEU A 39 -3.43 -9.29 11.96
CA LEU A 39 -2.51 -9.72 10.93
C LEU A 39 -1.57 -8.58 10.57
N LEU A 40 -0.27 -8.83 10.59
CA LEU A 40 0.73 -7.86 10.21
C LEU A 40 1.38 -8.30 8.90
N VAL A 41 1.57 -7.35 7.98
CA VAL A 41 2.17 -7.66 6.68
C VAL A 41 3.12 -6.58 6.23
N PRO A 42 4.27 -6.97 5.65
CA PRO A 42 5.13 -6.06 4.93
C PRO A 42 4.68 -6.03 3.46
N GLY A 43 5.09 -4.99 2.72
CA GLY A 43 4.61 -4.84 1.35
C GLY A 43 5.61 -5.10 0.23
N LYS A 44 6.86 -5.42 0.53
CA LYS A 44 7.89 -5.58 -0.51
C LYS A 44 7.91 -4.30 -1.32
N PHE A 45 7.63 -4.34 -2.64
CA PHE A 45 7.76 -3.13 -3.44
C PHE A 45 6.75 -2.04 -3.09
N THR A 46 5.71 -2.31 -2.29
CA THR A 46 4.89 -1.19 -1.90
C THR A 46 5.58 -0.26 -0.92
N GLY A 47 6.55 -0.77 -0.16
CA GLY A 47 7.21 0.06 0.84
C GLY A 47 6.47 0.24 2.17
N THR A 48 5.40 -0.51 2.38
CA THR A 48 4.57 -0.32 3.58
C THR A 48 4.68 -1.50 4.52
N VAL A 49 4.23 -1.24 5.76
CA VAL A 49 3.84 -2.26 6.72
C VAL A 49 2.47 -1.91 7.21
N ALA A 50 1.66 -2.93 7.57
CA ALA A 50 0.28 -2.70 7.95
C ALA A 50 -0.19 -3.75 8.91
N ALA A 51 -1.15 -3.37 9.77
CA ALA A 51 -1.83 -4.27 10.69
C ALA A 51 -3.32 -4.26 10.39
N HIS A 52 -3.94 -5.44 10.28
CA HIS A 52 -5.35 -5.58 9.98
C HIS A 52 -6.03 -6.31 11.12
N ASP A 53 -7.20 -5.80 11.50
CA ASP A 53 -8.01 -6.42 12.53
C ASP A 53 -8.93 -7.45 11.91
N LEU A 54 -8.64 -8.73 12.09
CA LEU A 54 -9.46 -9.76 11.48
C LEU A 54 -10.87 -9.84 12.04
N SER A 55 -11.13 -9.15 13.18
CA SER A 55 -12.46 -9.13 13.80
C SER A 55 -13.39 -8.08 13.19
N THR A 56 -12.86 -7.13 12.43
CA THR A 56 -13.68 -6.04 11.91
C THR A 56 -13.41 -5.73 10.45
N GLY A 57 -12.30 -6.18 9.88
CA GLY A 57 -11.93 -5.79 8.54
C GLY A 57 -11.18 -4.47 8.44
N ARG A 58 -11.03 -3.75 9.54
CA ARG A 58 -10.34 -2.47 9.50
C ARG A 58 -8.84 -2.68 9.49
N THR A 59 -8.15 -1.84 8.73
CA THR A 59 -6.70 -1.72 8.87
C THR A 59 -6.45 -0.80 10.05
N LEU A 60 -5.82 -1.32 11.09
CA LEU A 60 -5.60 -0.55 12.30
C LEU A 60 -4.62 0.59 12.10
N ALA A 61 -3.55 0.33 11.32
CA ALA A 61 -2.49 1.29 11.13
C ALA A 61 -1.61 0.79 9.99
N TRP A 62 -0.93 1.74 9.36
CA TRP A 62 0.08 1.42 8.37
C TRP A 62 1.17 2.46 8.45
N LEU A 63 2.32 2.13 7.85
CA LEU A 63 3.47 3.03 7.80
C LEU A 63 4.12 2.84 6.44
N ALA A 64 4.54 3.94 5.83
CA ALA A 64 5.19 3.97 4.54
C ALA A 64 6.63 4.45 4.71
N GLY A 65 7.59 3.57 4.44
CA GLY A 65 8.97 3.88 4.73
C GLY A 65 9.50 5.15 4.05
N TRP A 66 9.03 5.40 2.81
CA TRP A 66 9.53 6.55 2.09
C TRP A 66 9.17 7.87 2.79
N ASN A 67 8.09 7.87 3.59
CA ASN A 67 7.72 9.10 4.29
C ASN A 67 8.83 9.58 5.22
N TYR A 68 9.64 8.64 5.68
CA TYR A 68 10.70 8.88 6.65
C TYR A 68 12.05 9.09 5.96
N GLY A 69 12.09 9.10 4.64
CA GLY A 69 13.33 9.34 3.92
C GLY A 69 14.04 8.08 3.48
N ASP A 70 13.45 6.90 3.68
CA ASP A 70 14.00 5.68 3.10
C ASP A 70 13.59 5.63 1.65
N THR A 71 14.54 5.84 0.72
CA THR A 71 14.20 5.98 -0.68
C THR A 71 14.07 4.66 -1.42
N ASN A 72 14.38 3.54 -0.74
CA ASN A 72 14.27 2.22 -1.37
C ASN A 72 13.74 1.22 -0.35
N PRO A 73 12.52 1.46 0.17
CA PRO A 73 12.00 0.68 1.31
C PRO A 73 11.37 -0.63 0.84
N ILE A 74 12.21 -1.57 0.37
CA ILE A 74 11.73 -2.89 -0.02
C ILE A 74 11.50 -3.68 1.26
N MET A 75 10.28 -3.57 1.81
CA MET A 75 9.96 -4.11 3.14
C MET A 75 9.82 -5.61 3.03
N HIS A 76 10.74 -6.37 3.65
CA HIS A 76 10.90 -7.77 3.29
C HIS A 76 10.30 -8.71 4.33
N HIS A 77 10.92 -8.80 5.51
CA HIS A 77 10.52 -9.78 6.50
C HIS A 77 10.22 -9.10 7.84
N MET A 78 9.55 -9.85 8.70
CA MET A 78 9.14 -9.28 9.99
C MET A 78 8.83 -10.37 10.97
N ALA A 79 8.90 -10.00 12.26
CA ALA A 79 8.43 -10.83 13.34
C ALA A 79 7.89 -9.91 14.42
N ALA A 80 6.82 -10.36 15.07
CA ALA A 80 6.23 -9.63 16.21
C ALA A 80 6.47 -10.33 17.53
N PHE A 81 6.55 -9.52 18.58
CA PHE A 81 6.82 -10.02 19.93
C PHE A 81 5.53 -10.19 20.71
N PRO A 82 5.51 -11.11 21.69
CA PRO A 82 4.29 -11.31 22.48
C PRO A 82 3.86 -10.04 23.21
N SER A 83 2.56 -9.77 23.15
CA SER A 83 1.95 -8.65 23.84
C SER A 83 0.77 -9.13 24.64
N PRO A 84 0.61 -8.67 25.91
CA PRO A 84 -0.54 -9.09 26.68
C PRO A 84 -1.87 -8.65 26.08
N ASP A 85 -1.86 -7.59 25.27
CA ASP A 85 -3.10 -7.17 24.62
C ASP A 85 -2.71 -6.46 23.33
N PRO A 86 -2.61 -7.21 22.22
CA PRO A 86 -2.21 -6.62 20.95
C PRO A 86 -3.02 -5.39 20.54
N TYR A 87 -4.31 -5.35 20.91
CA TYR A 87 -5.13 -4.22 20.50
C TYR A 87 -4.76 -2.94 21.23
N LYS A 88 -4.10 -3.03 22.37
CA LYS A 88 -3.59 -1.87 23.08
C LYS A 88 -2.17 -1.52 22.70
N GLY A 89 -1.40 -2.46 22.19
CA GLY A 89 -0.07 -2.19 21.76
C GLY A 89 0.69 -3.48 21.47
N PHE A 90 1.70 -3.35 20.59
CA PHE A 90 2.62 -4.46 20.33
C PHE A 90 3.84 -3.87 19.62
N GLU A 91 4.88 -4.68 19.53
CA GLU A 91 6.11 -4.30 18.84
C GLU A 91 6.48 -5.36 17.83
N PHE A 92 7.23 -4.93 16.81
CA PHE A 92 7.74 -5.85 15.80
C PHE A 92 8.98 -5.26 15.19
N ILE A 93 9.72 -6.15 14.50
CA ILE A 93 10.85 -5.78 13.68
C ILE A 93 10.46 -6.03 12.22
N VAL A 94 10.78 -5.08 11.34
CA VAL A 94 10.62 -5.28 9.88
C VAL A 94 11.91 -4.80 9.23
N ASN A 95 12.41 -5.53 8.24
CA ASN A 95 13.62 -5.10 7.56
C ASN A 95 13.33 -4.77 6.10
N THR A 96 14.38 -4.25 5.45
CA THR A 96 14.32 -3.92 4.04
C THR A 96 15.54 -4.47 3.31
N GLN A 97 15.36 -4.60 2.01
CA GLN A 97 16.46 -4.76 1.08
C GLN A 97 16.86 -3.39 0.54
C GLN A 97 16.68 -3.45 0.31
N GLY A 98 17.73 -3.36 -0.45
CA GLY A 98 18.21 -2.13 -1.01
C GLY A 98 18.97 -2.41 -2.30
N GLY A 99 19.59 -1.34 -2.80
CA GLY A 99 20.36 -1.43 -4.03
C GLY A 99 19.54 -1.95 -5.20
N LYS A 100 20.20 -2.77 -6.01
CA LYS A 100 19.66 -3.25 -7.28
C LYS A 100 18.58 -4.29 -7.14
N ASN A 101 18.20 -4.63 -5.89
CA ASN A 101 16.99 -5.41 -5.66
C ASN A 101 15.73 -4.72 -6.22
N LEU A 102 15.78 -3.41 -6.44
CA LEU A 102 14.66 -2.72 -7.07
C LEU A 102 14.40 -3.18 -8.50
N PHE A 103 15.39 -3.82 -9.12
CA PHE A 103 15.40 -4.04 -10.57
C PHE A 103 15.09 -5.46 -10.99
N ILE A 104 14.65 -6.34 -10.08
CA ILE A 104 14.60 -7.76 -10.37
C ILE A 104 13.21 -8.38 -10.44
N TYR A 105 12.16 -7.56 -10.35
CA TYR A 105 10.78 -8.05 -10.44
C TYR A 105 10.06 -7.48 -11.66
N GLY A 106 10.81 -7.03 -12.68
CA GLY A 106 10.20 -6.67 -13.95
C GLY A 106 9.51 -5.33 -13.97
N ILE A 107 9.67 -4.49 -12.94
CA ILE A 107 9.05 -3.17 -12.93
C ILE A 107 9.88 -2.27 -13.82
N PRO A 108 9.29 -1.61 -14.84
CA PRO A 108 10.11 -0.85 -15.80
C PRO A 108 10.47 0.54 -15.32
N THR A 109 11.11 0.58 -14.15
CA THR A 109 11.61 1.81 -13.57
C THR A 109 12.84 2.32 -14.32
N THR A 110 12.98 3.64 -14.38
CA THR A 110 14.15 4.27 -14.98
C THR A 110 15.15 4.75 -13.92
N VAL A 111 14.93 4.42 -12.65
CA VAL A 111 15.85 4.82 -11.60
C VAL A 111 17.27 4.36 -11.90
N LYS A 112 18.22 5.28 -11.79
CA LYS A 112 19.61 4.98 -12.04
C LYS A 112 20.35 4.54 -10.79
N GLU A 113 20.17 5.22 -9.69
CA GLU A 113 20.91 4.94 -8.48
C GLU A 113 19.93 4.69 -7.34
N PRO A 114 19.60 3.43 -7.12
CA PRO A 114 18.64 3.10 -6.08
C PRO A 114 19.21 3.36 -4.71
N GLY A 115 18.33 3.62 -3.74
CA GLY A 115 18.75 3.81 -2.36
C GLY A 115 19.44 2.58 -1.82
N GLU A 116 20.35 2.78 -0.87
CA GLU A 116 21.17 1.71 -0.31
C GLU A 116 20.38 0.70 0.50
N GLY A 117 19.35 1.16 1.23
CA GLY A 117 18.50 0.26 1.97
C GLY A 117 19.20 -0.62 2.98
N PHE A 118 18.65 -1.82 3.16
CA PHE A 118 19.10 -2.78 4.18
C PHE A 118 18.96 -2.23 5.60
N ASN A 119 17.77 -1.68 5.87
CA ASN A 119 17.42 -1.18 7.18
C ASN A 119 16.73 -2.26 8.00
N ILE A 120 16.80 -2.11 9.33
CA ILE A 120 16.11 -3.01 10.26
C ILE A 120 15.37 -2.11 11.22
N TYR A 121 14.05 -2.04 11.11
CA TYR A 121 13.24 -1.10 11.85
C TYR A 121 12.51 -1.77 12.99
N ARG A 122 12.52 -1.10 14.15
CA ARG A 122 11.70 -1.46 15.28
C ARG A 122 10.48 -0.54 15.27
N VAL A 123 9.28 -1.16 15.29
CA VAL A 123 8.03 -0.43 15.19
C VAL A 123 7.13 -0.84 16.33
N ARG A 124 6.49 0.17 16.94
CA ARG A 124 5.56 -0.07 18.02
C ARG A 124 4.19 0.46 17.65
N TYR A 125 3.17 -0.40 17.72
CA TYR A 125 1.78 0.01 17.67
C TYR A 125 1.36 0.42 19.06
N ASP A 126 0.69 1.56 19.19
CA ASP A 126 0.32 2.12 20.50
C ASP A 126 -1.19 2.08 20.75
N GLY A 127 -1.93 1.30 19.98
CA GLY A 127 -3.38 1.26 20.11
C GLY A 127 -4.08 2.21 19.15
N THR A 128 -3.32 3.09 18.48
CA THR A 128 -3.83 4.02 17.49
C THR A 128 -2.99 4.00 16.21
N LYS A 129 -1.66 4.05 16.33
CA LYS A 129 -0.78 4.24 15.19
C LYS A 129 0.49 3.45 15.39
N PHE A 130 1.24 3.30 14.30
CA PHE A 130 2.61 2.82 14.36
C PHE A 130 3.57 3.96 14.71
N ASN A 131 4.59 3.62 15.46
CA ASN A 131 5.67 4.51 15.81
C ASN A 131 6.98 3.87 15.39
N LEU A 132 7.76 4.58 14.57
CA LEU A 132 9.07 4.10 14.16
C LEU A 132 10.04 4.40 15.28
N VAL A 133 10.41 3.38 16.04
CA VAL A 133 11.17 3.53 17.26
C VAL A 133 12.65 3.73 16.98
N SER A 134 13.21 2.87 16.13
CA SER A 134 14.64 2.82 15.93
C SER A 134 14.94 2.13 14.61
N ASN A 135 16.13 2.45 14.09
CA ASN A 135 16.74 1.73 12.98
C ASN A 135 17.95 0.98 13.54
N ILE A 136 17.73 -0.29 13.82
CA ILE A 136 18.73 -1.13 14.42
C ILE A 136 19.93 -1.33 13.50
N ALA A 137 19.70 -1.30 12.18
CA ALA A 137 20.83 -1.41 11.25
C ALA A 137 21.77 -0.24 11.40
N GLU A 138 21.23 0.97 11.54
CA GLU A 138 22.07 2.15 11.68
C GLU A 138 22.83 2.09 13.00
N LYS A 139 22.19 1.59 14.04
CA LYS A 139 22.81 1.54 15.35
C LYS A 139 23.94 0.52 15.41
N THR A 140 23.74 -0.64 14.80
CA THR A 140 24.63 -1.78 14.92
C THR A 140 25.62 -1.91 13.79
N GLY A 141 25.31 -1.29 12.65
CA GLY A 141 26.11 -1.48 11.45
C GLY A 141 25.83 -2.73 10.64
N LEU A 142 24.80 -3.51 11.02
CA LEU A 142 24.44 -4.73 10.32
C LEU A 142 23.21 -4.47 9.46
N GLY A 143 23.44 -4.28 8.15
CA GLY A 143 22.34 -4.15 7.21
C GLY A 143 22.04 -5.53 6.63
N LEU A 144 20.96 -6.16 7.07
CA LEU A 144 20.64 -7.54 6.74
C LEU A 144 19.20 -7.59 6.26
N GLY A 145 18.95 -8.19 5.09
CA GLY A 145 17.72 -8.00 4.36
C GLY A 145 16.81 -9.20 4.17
N VAL A 146 17.08 -10.36 4.78
CA VAL A 146 16.25 -11.54 4.59
C VAL A 146 15.52 -11.85 5.89
N HIS A 147 15.38 -13.12 6.31
CA HIS A 147 14.36 -13.37 7.32
C HIS A 147 14.70 -12.75 8.68
N VAL A 148 13.62 -12.32 9.31
CA VAL A 148 13.58 -11.83 10.69
C VAL A 148 12.82 -12.87 11.50
N THR A 149 13.39 -13.35 12.60
CA THR A 149 12.75 -14.33 13.45
C THR A 149 12.85 -13.89 14.89
N ALA A 150 11.75 -13.98 15.62
CA ALA A 150 11.78 -13.73 17.09
C ALA A 150 12.40 -14.93 17.78
N THR A 151 13.13 -14.68 18.87
CA THR A 151 13.57 -15.78 19.71
C THR A 151 12.38 -16.36 20.48
N PRO A 152 12.49 -17.62 20.96
CA PRO A 152 11.37 -18.24 21.66
C PRO A 152 10.92 -17.51 22.90
N ASP A 153 11.80 -16.76 23.57
CA ASP A 153 11.38 -15.99 24.75
C ASP A 153 10.76 -14.64 24.39
N GLY A 154 10.78 -14.27 23.11
CA GLY A 154 10.26 -13.00 22.70
C GLY A 154 11.05 -11.77 23.08
N LYS A 155 12.33 -11.96 23.48
CA LYS A 155 13.17 -10.87 23.96
C LYS A 155 14.38 -10.63 23.08
N GLY A 156 14.47 -11.31 21.94
CA GLY A 156 15.52 -11.09 20.98
C GLY A 156 15.00 -11.44 19.60
N PHE A 157 15.86 -11.30 18.59
CA PHE A 157 15.46 -11.65 17.24
C PHE A 157 16.72 -11.87 16.43
N ALA A 158 16.58 -12.63 15.34
CA ALA A 158 17.66 -12.86 14.39
C ALA A 158 17.27 -12.26 13.04
N VAL A 159 18.32 -11.87 12.30
CA VAL A 159 18.15 -11.48 10.90
C VAL A 159 19.28 -12.13 10.11
N ALA A 160 18.95 -12.62 8.91
CA ALA A 160 19.93 -13.20 7.99
C ALA A 160 19.90 -12.45 6.68
N ASP A 161 20.97 -12.62 5.87
CA ASP A 161 21.03 -12.02 4.56
C ASP A 161 21.72 -12.97 3.58
N GLY A 162 21.10 -13.15 2.40
CA GLY A 162 21.58 -14.08 1.40
C GLY A 162 22.36 -13.47 0.25
N GLN A 163 22.65 -12.16 0.31
CA GLN A 163 23.63 -11.55 -0.57
C GLN A 163 24.97 -11.40 0.15
N LYS A 164 24.92 -11.11 1.44
CA LYS A 164 26.11 -10.94 2.26
C LYS A 164 26.54 -12.23 2.96
N ASP A 165 25.58 -13.13 3.13
CA ASP A 165 25.82 -14.38 3.88
C ASP A 165 26.27 -14.10 5.31
N ILE A 166 25.53 -13.22 5.96
CA ILE A 166 25.73 -12.90 7.37
C ILE A 166 24.41 -13.15 8.08
N PHE A 167 24.47 -13.63 9.32
CA PHE A 167 23.31 -13.53 10.20
C PHE A 167 23.77 -13.04 11.56
N ALA A 168 22.80 -12.53 12.30
CA ALA A 168 23.07 -12.05 13.65
C ALA A 168 21.85 -12.29 14.51
N GLU A 169 22.09 -12.47 15.82
CA GLU A 169 21.04 -12.44 16.83
C GLU A 169 21.22 -11.16 17.64
N PHE A 170 20.10 -10.48 17.91
CA PHE A 170 20.06 -9.18 18.57
C PHE A 170 19.25 -9.30 19.86
N ASP A 171 19.68 -8.52 20.86
CA ASP A 171 18.92 -8.31 22.08
C ASP A 171 17.91 -7.18 21.86
N LEU A 172 16.62 -7.43 22.14
CA LEU A 172 15.65 -6.40 21.90
C LEU A 172 15.82 -5.20 22.83
N ALA A 173 15.99 -5.44 24.13
CA ALA A 173 15.97 -4.35 25.09
C ALA A 173 17.08 -3.36 24.83
N THR A 174 18.26 -3.85 24.52
CA THR A 174 19.42 -2.99 24.34
C THR A 174 19.73 -2.71 22.87
N GLU A 175 19.01 -3.37 21.94
CA GLU A 175 19.26 -3.21 20.53
C GLU A 175 20.72 -3.48 20.18
N SER A 176 21.26 -4.50 20.77
CA SER A 176 22.66 -4.85 20.60
C SER A 176 22.82 -6.20 19.96
N VAL A 177 23.98 -6.40 19.39
CA VAL A 177 24.32 -7.65 18.71
C VAL A 177 24.84 -8.65 19.70
N ARG A 178 24.16 -9.78 19.83
CA ARG A 178 24.63 -10.89 20.66
C ARG A 178 25.71 -11.70 19.96
N THR A 179 25.52 -11.91 18.64
CA THR A 179 26.49 -12.63 17.82
C THR A 179 26.25 -12.26 16.38
N ALA A 180 27.28 -12.42 15.57
CA ALA A 180 27.14 -12.30 14.11
C ALA A 180 28.13 -13.27 13.49
N PHE A 181 27.71 -13.90 12.40
CA PHE A 181 28.56 -14.85 11.67
C PHE A 181 28.51 -14.56 10.17
N LEU A 182 29.64 -14.80 9.51
CA LEU A 182 29.77 -14.82 8.06
C LEU A 182 29.94 -16.25 7.61
N VAL A 183 29.28 -16.63 6.53
CA VAL A 183 29.43 -17.95 5.95
C VAL A 183 29.91 -17.77 4.53
N ASP A 184 30.90 -18.56 4.12
CA ASP A 184 31.51 -18.45 2.80
C ASP A 184 31.61 -19.81 2.16
N TRP A 185 31.53 -19.82 0.81
CA TRP A 185 31.69 -21.03 0.02
C TRP A 185 33.02 -20.98 -0.73
N LYS A 186 33.78 -22.05 -0.68
CA LYS A 186 34.97 -22.23 -1.47
C LYS A 186 34.70 -23.41 -2.41
N PRO A 187 34.40 -23.15 -3.68
CA PRO A 187 33.96 -24.23 -4.54
C PRO A 187 35.09 -25.15 -4.93
N ASN A 188 34.77 -26.44 -5.12
CA ASN A 188 35.75 -27.36 -5.67
C ASN A 188 36.04 -27.01 -7.14
N ASN A 189 35.00 -26.67 -7.89
CA ASN A 189 35.11 -26.32 -9.29
C ASN A 189 34.83 -24.83 -9.43
N SER A 190 35.78 -24.10 -9.97
CA SER A 190 35.68 -22.65 -10.08
C SER A 190 34.69 -22.19 -11.16
N ASP A 191 34.25 -23.10 -12.06
CA ASP A 191 33.29 -22.73 -13.07
C ASP A 191 31.92 -22.53 -12.41
N LEU A 192 31.36 -21.38 -12.66
CA LEU A 192 30.11 -21.00 -12.05
C LEU A 192 29.03 -22.07 -12.17
N LYS A 193 28.92 -22.73 -13.34
CA LYS A 193 27.90 -23.73 -13.56
C LYS A 193 28.00 -24.89 -12.56
N ARG A 194 29.23 -25.22 -12.15
CA ARG A 194 29.49 -26.39 -11.33
C ARG A 194 30.03 -26.04 -9.94
N ALA A 195 29.95 -24.78 -9.56
CA ALA A 195 30.57 -24.33 -8.31
C ALA A 195 29.87 -24.91 -7.08
N TRP A 196 28.60 -25.30 -7.20
CA TRP A 196 27.90 -25.96 -6.10
C TRP A 196 27.75 -27.45 -6.38
N LEU A 197 27.34 -27.83 -7.59
CA LEU A 197 27.10 -29.24 -7.89
C LEU A 197 28.28 -30.11 -7.49
N GLU A 198 29.52 -29.64 -7.76
CA GLU A 198 30.70 -30.46 -7.50
C GLU A 198 31.29 -30.22 -6.12
N GLY A 199 30.53 -29.62 -5.22
CA GLY A 199 30.91 -29.53 -3.82
C GLY A 199 31.84 -28.37 -3.50
N GLY A 200 32.27 -28.35 -2.24
CA GLY A 200 33.10 -27.28 -1.77
C GLY A 200 33.23 -27.33 -0.26
N THR A 201 33.84 -26.28 0.26
CA THR A 201 34.00 -26.11 1.70
C THR A 201 33.21 -24.89 2.12
N MET A 202 32.41 -25.06 3.15
CA MET A 202 31.70 -23.95 3.76
C MET A 202 32.47 -23.52 5.00
N THR A 203 32.85 -22.25 5.08
CA THR A 203 33.54 -21.72 6.23
C THR A 203 32.58 -20.81 7.00
N ILE A 204 32.55 -20.98 8.31
CA ILE A 204 31.70 -20.20 9.19
C ILE A 204 32.66 -19.41 10.08
N THR A 205 32.51 -18.09 10.13
CA THR A 205 33.40 -17.28 10.92
C THR A 205 32.56 -16.40 11.85
N ARG A 206 32.93 -16.40 13.14
CA ARG A 206 32.30 -15.48 14.08
C ARG A 206 32.88 -14.11 13.84
N LEU A 207 32.04 -13.14 13.52
CA LEU A 207 32.51 -11.81 13.28
C LEU A 207 32.79 -11.05 14.57
N LYS A 208 33.66 -10.06 14.49
CA LYS A 208 33.87 -9.11 15.54
C LYS A 208 33.69 -7.73 14.92
N PRO A 209 33.10 -6.80 15.64
CA PRO A 209 32.88 -5.48 15.04
C PRO A 209 34.22 -4.79 14.84
N THR A 210 34.27 -3.95 13.81
CA THR A 210 35.51 -3.30 13.42
C THR A 210 35.47 -1.78 13.58
N LEU A 211 34.34 -1.19 13.94
CA LEU A 211 34.17 0.25 14.01
C LEU A 211 33.91 0.68 15.45
N PRO A 212 34.09 1.97 15.78
CA PRO A 212 33.86 2.38 17.17
C PRO A 212 32.44 2.15 17.63
N GLY A 213 32.32 1.96 18.93
CA GLY A 213 31.04 1.67 19.55
C GLY A 213 30.65 0.24 19.33
N GLY A 214 31.55 -0.68 19.04
CA GLY A 214 31.15 -2.06 18.79
C GLY A 214 30.29 -2.21 17.54
N LYS A 215 30.50 -1.34 16.55
CA LYS A 215 29.70 -1.34 15.35
C LYS A 215 30.35 -2.16 14.26
N TYR A 216 29.50 -2.81 13.48
CA TYR A 216 29.93 -3.56 12.31
C TYR A 216 29.93 -2.65 11.09
N ASP A 217 30.63 -3.10 10.04
CA ASP A 217 30.84 -2.35 8.82
C ASP A 217 30.07 -2.94 7.64
N TYR A 218 28.74 -3.04 7.81
CA TYR A 218 27.88 -3.75 6.84
C TYR A 218 26.61 -2.97 6.59
N THR A 219 26.68 -1.63 6.59
CA THR A 219 25.52 -0.83 6.30
C THR A 219 25.22 -0.81 4.81
N GLY A 220 23.94 -0.70 4.48
CA GLY A 220 23.54 -0.55 3.09
C GLY A 220 23.96 -1.77 2.29
N THR A 221 24.51 -1.57 1.09
CA THR A 221 24.91 -2.68 0.25
C THR A 221 26.29 -3.23 0.61
N LYS A 222 26.96 -2.69 1.63
CA LYS A 222 28.29 -3.11 1.95
C LYS A 222 28.28 -4.58 2.38
N GLY A 223 29.18 -5.35 1.80
CA GLY A 223 29.29 -6.76 2.09
C GLY A 223 28.63 -7.69 1.07
N CYS A 224 27.86 -7.12 0.13
CA CYS A 224 27.17 -7.98 -0.83
C CYS A 224 28.16 -8.71 -1.73
N LYS A 225 27.98 -10.02 -1.87
CA LYS A 225 28.73 -10.85 -2.79
C LYS A 225 28.13 -10.87 -4.19
N ILE A 226 26.82 -10.64 -4.23
CA ILE A 226 26.00 -10.57 -5.43
C ILE A 226 25.16 -9.30 -5.33
N ASP A 227 24.85 -8.74 -6.51
CA ASP A 227 24.26 -7.41 -6.60
C ASP A 227 22.74 -7.37 -6.33
N TRP A 228 22.10 -8.53 -6.27
CA TRP A 228 20.70 -8.59 -5.90
C TRP A 228 20.46 -9.99 -5.36
N GLU A 229 19.34 -10.15 -4.67
CA GLU A 229 18.95 -11.40 -4.07
C GLU A 229 18.66 -12.47 -5.13
N LEU A 230 18.75 -13.72 -4.68
CA LEU A 230 18.18 -14.83 -5.43
C LEU A 230 16.68 -14.85 -5.14
N VAL A 231 15.88 -14.52 -6.15
CA VAL A 231 14.44 -14.37 -6.01
C VAL A 231 13.80 -15.71 -5.71
N PRO A 232 12.53 -15.70 -5.28
CA PRO A 232 11.81 -16.95 -5.08
C PRO A 232 11.88 -17.80 -6.33
N GLY A 233 12.24 -19.08 -6.13
CA GLY A 233 12.35 -20.03 -7.23
C GLY A 233 13.60 -19.86 -8.07
N GLY A 234 14.46 -18.90 -7.72
CA GLY A 234 15.58 -18.47 -8.53
C GLY A 234 16.94 -18.86 -8.02
N GLU A 235 17.01 -19.85 -7.14
CA GLU A 235 18.31 -20.24 -6.57
C GLU A 235 19.33 -20.52 -7.67
N LEU A 236 18.92 -21.19 -8.76
CA LEU A 236 19.88 -21.59 -9.78
C LEU A 236 20.22 -20.49 -10.75
N PHE A 237 19.65 -19.28 -10.58
CA PHE A 237 19.97 -18.20 -11.48
C PHE A 237 21.44 -17.79 -11.39
N LEU A 238 22.04 -17.98 -10.21
CA LEU A 238 23.45 -17.62 -10.03
C LEU A 238 24.36 -18.51 -10.89
N GLU A 239 24.16 -19.83 -10.84
CA GLU A 239 24.89 -20.70 -11.81
CA GLU A 239 25.01 -20.86 -11.41
C GLU A 239 24.89 -20.26 -13.30
C GLU A 239 24.66 -20.85 -12.87
N GLU A 240 23.75 -19.75 -13.76
N GLU A 240 23.44 -20.35 -13.16
CA GLU A 240 23.45 -19.52 -15.17
CA GLU A 240 22.98 -20.26 -14.52
C GLU A 240 24.07 -18.21 -15.67
C GLU A 240 23.49 -18.98 -15.20
N GLY A 241 24.69 -17.40 -14.79
N GLY A 241 24.28 -18.13 -14.51
CA GLY A 241 25.29 -16.13 -15.19
CA GLY A 241 24.81 -16.90 -15.10
C GLY A 241 24.29 -14.99 -15.17
C GLY A 241 23.81 -15.76 -15.26
N LYS A 242 23.11 -15.19 -14.56
N LYS A 242 22.89 -15.58 -14.29
CA LYS A 242 22.08 -14.19 -14.55
CA LYS A 242 21.85 -14.56 -14.33
C LYS A 242 22.00 -13.44 -13.24
N VAL A 243 23.06 -13.52 -12.43
CA VAL A 243 23.18 -12.69 -11.24
C VAL A 243 24.60 -12.13 -11.20
N THR A 244 24.77 -10.81 -11.24
CA THR A 244 26.10 -10.21 -11.21
C THR A 244 26.60 -10.11 -9.77
N GLY A 245 27.90 -9.97 -9.62
CA GLY A 245 28.47 -9.77 -8.31
C GLY A 245 29.98 -9.92 -8.34
N THR A 246 30.61 -9.56 -7.24
CA THR A 246 32.06 -9.64 -7.14
C THR A 246 32.53 -10.95 -6.54
N ARG A 247 31.68 -11.71 -5.85
CA ARG A 247 32.08 -12.96 -5.23
C ARG A 247 31.04 -14.04 -5.52
N GLN A 248 30.68 -14.18 -6.80
CA GLN A 248 29.58 -15.03 -7.19
C GLN A 248 29.71 -16.48 -6.74
N THR A 249 30.92 -17.06 -6.91
CA THR A 249 31.11 -18.46 -6.59
C THR A 249 31.35 -18.71 -5.10
N ASN A 250 31.29 -17.65 -4.27
CA ASN A 250 31.47 -17.78 -2.84
C ASN A 250 30.16 -17.66 -2.06
N VAL A 251 29.04 -17.53 -2.78
CA VAL A 251 27.72 -17.37 -2.17
C VAL A 251 27.21 -18.72 -1.63
N VAL A 252 26.63 -18.65 -0.43
CA VAL A 252 25.80 -19.73 0.07
C VAL A 252 24.32 -19.37 0.14
N ALA A 253 23.98 -18.08 0.11
CA ALA A 253 22.61 -17.57 0.21
C ALA A 253 21.97 -18.02 1.51
N LEU A 254 22.54 -17.51 2.61
CA LEU A 254 21.87 -17.64 3.91
C LEU A 254 20.48 -17.07 3.81
N ASP A 255 19.55 -17.64 4.57
CA ASP A 255 18.16 -17.26 4.45
C ASP A 255 17.51 -16.91 5.77
N ALA A 256 17.58 -17.81 6.75
CA ALA A 256 16.88 -17.63 8.01
C ALA A 256 17.65 -18.30 9.12
N PHE A 257 17.41 -17.83 10.34
CA PHE A 257 17.83 -18.51 11.56
C PHE A 257 16.57 -18.84 12.33
N VAL A 258 16.09 -20.08 12.21
CA VAL A 258 14.86 -20.51 12.86
C VAL A 258 15.17 -21.21 14.17
N TYR A 259 14.26 -21.06 15.12
CA TYR A 259 14.55 -21.47 16.51
C TYR A 259 13.84 -22.75 16.90
N ASP A 260 14.60 -23.58 17.63
CA ASP A 260 14.00 -24.71 18.33
C ASP A 260 13.15 -24.15 19.46
N PRO A 261 11.85 -24.47 19.51
CA PRO A 261 10.98 -23.92 20.55
C PRO A 261 11.36 -24.40 21.95
N ARG A 262 12.14 -25.48 22.04
CA ARG A 262 12.61 -25.98 23.33
C ARG A 262 13.80 -25.19 23.85
N GLY A 263 14.30 -24.26 23.06
CA GLY A 263 15.45 -23.46 23.43
C GLY A 263 16.77 -24.04 22.96
N ARG A 264 17.82 -23.28 23.24
CA ARG A 264 19.21 -23.60 23.02
C ARG A 264 19.66 -23.57 21.55
N TRP A 265 18.93 -24.24 20.66
CA TRP A 265 19.40 -24.44 19.29
C TRP A 265 18.71 -23.49 18.34
N GLY A 266 19.42 -23.12 17.27
CA GLY A 266 18.83 -22.52 16.09
C GLY A 266 19.39 -23.16 14.85
N ALA A 267 18.63 -23.09 13.77
CA ALA A 267 19.03 -23.64 12.47
C ALA A 267 19.16 -22.51 11.45
N LEU A 268 20.36 -22.40 10.88
CA LEU A 268 20.66 -21.41 9.87
C LEU A 268 20.55 -22.07 8.50
N SER A 269 19.59 -21.65 7.69
CA SER A 269 19.44 -22.18 6.35
C SER A 269 20.40 -21.51 5.37
N ALA A 270 21.02 -22.34 4.55
CA ALA A 270 21.93 -21.92 3.48
C ALA A 270 21.39 -22.52 2.18
N ARG A 271 20.83 -21.68 1.32
CA ARG A 271 20.05 -22.18 0.18
C ARG A 271 20.89 -22.95 -0.82
N LEU A 272 22.05 -22.40 -1.22
CA LEU A 272 22.77 -23.02 -2.35
C LEU A 272 23.42 -24.33 -1.98
N PRO A 273 24.01 -24.52 -0.79
CA PRO A 273 24.50 -25.84 -0.39
C PRO A 273 23.38 -26.76 0.06
N GLY A 274 22.19 -26.23 0.26
CA GLY A 274 21.11 -27.05 0.80
C GLY A 274 21.41 -27.61 2.16
N VAL A 275 21.89 -26.76 3.06
CA VAL A 275 22.26 -27.19 4.41
C VAL A 275 21.60 -26.28 5.42
N ALA A 276 21.26 -26.89 6.56
CA ALA A 276 20.80 -26.16 7.73
C ALA A 276 21.83 -26.39 8.83
N ILE A 277 22.51 -25.30 9.20
CA ILE A 277 23.60 -25.38 10.18
C ILE A 277 23.02 -25.13 11.57
N ILE A 278 23.17 -26.10 12.47
CA ILE A 278 22.63 -25.95 13.82
C ILE A 278 23.65 -25.26 14.69
N PHE A 279 23.21 -24.20 15.39
CA PHE A 279 24.05 -23.46 16.32
C PHE A 279 23.57 -23.62 17.75
N ASP A 280 24.55 -23.68 18.67
CA ASP A 280 24.32 -23.57 20.10
C ASP A 280 24.28 -22.10 20.47
N ARG A 281 23.11 -21.60 20.86
CA ARG A 281 22.93 -20.20 21.20
C ARG A 281 23.54 -19.84 22.53
N GLN A 282 23.86 -20.84 23.34
CA GLN A 282 24.39 -20.59 24.69
C GLN A 282 25.91 -20.40 24.67
N ASP A 283 26.70 -20.86 23.65
N ASP A 283 26.58 -21.02 23.74
CA ASP A 283 28.15 -20.63 23.50
CA ASP A 283 27.97 -20.85 23.52
C ASP A 283 28.54 -20.08 22.12
C ASP A 283 28.18 -20.80 22.03
N TRP A 284 27.54 -19.86 21.36
CA TRP A 284 27.63 -19.43 20.00
C TRP A 284 28.65 -20.16 19.17
N GLU A 285 28.29 -21.33 18.76
CA GLU A 285 29.14 -22.13 17.89
C GLU A 285 28.22 -23.02 17.05
N PRO A 286 28.61 -23.29 15.80
CA PRO A 286 27.88 -24.29 15.01
C PRO A 286 28.26 -25.68 15.51
N VAL A 287 27.30 -26.60 15.47
CA VAL A 287 27.50 -27.93 16.03
C VAL A 287 27.31 -29.08 15.04
N VAL A 288 26.48 -28.93 14.00
CA VAL A 288 26.27 -29.96 13.02
C VAL A 288 25.64 -29.29 11.81
N ALA A 289 25.74 -29.92 10.65
CA ALA A 289 25.12 -29.41 9.42
C ALA A 289 24.15 -30.46 8.89
N LEU A 290 22.87 -30.13 8.84
CA LEU A 290 21.87 -31.03 8.26
C LEU A 290 21.87 -30.85 6.73
N VAL A 291 21.87 -31.96 5.99
CA VAL A 291 21.93 -31.92 4.51
C VAL A 291 20.55 -32.17 3.94
N GLY A 292 20.00 -31.21 3.20
CA GLY A 292 18.61 -31.38 2.79
C GLY A 292 18.34 -32.54 1.84
N ALA A 293 19.21 -32.75 0.85
CA ALA A 293 18.80 -33.51 -0.32
C ALA A 293 18.39 -34.94 0.03
N LYS A 294 17.34 -35.41 -0.64
CA LYS A 294 16.98 -36.80 -0.54
C LYS A 294 18.10 -37.65 -1.14
N GLY A 295 18.45 -38.73 -0.41
CA GLY A 295 19.49 -39.65 -0.83
C GLY A 295 20.85 -39.31 -0.24
N GLU A 296 20.98 -38.15 0.36
CA GLU A 296 22.23 -37.73 0.98
C GLU A 296 22.14 -38.02 2.48
N PRO A 297 23.29 -37.99 3.18
CA PRO A 297 23.29 -38.26 4.62
C PRO A 297 22.38 -37.29 5.36
N SER A 298 22.01 -37.71 6.58
CA SER A 298 21.27 -36.83 7.46
C SER A 298 22.03 -35.55 7.76
N SER A 299 23.36 -35.66 7.98
CA SER A 299 24.14 -34.54 8.44
C SER A 299 25.59 -34.76 8.07
N LEU A 300 26.34 -33.67 8.23
CA LEU A 300 27.78 -33.63 8.12
C LEU A 300 28.34 -32.96 9.35
N PRO A 301 29.57 -33.34 9.74
CA PRO A 301 30.19 -32.72 10.90
C PRO A 301 30.66 -31.32 10.61
N VAL A 302 30.73 -30.56 11.70
CA VAL A 302 31.32 -29.25 11.69
C VAL A 302 32.64 -29.37 12.43
N LYS A 303 33.72 -28.90 11.81
CA LYS A 303 35.03 -28.96 12.44
C LYS A 303 35.53 -27.56 12.76
N LYS A 304 36.01 -27.37 13.99
CA LYS A 304 36.58 -26.11 14.41
C LYS A 304 38.02 -26.08 13.91
N VAL A 305 38.37 -25.09 13.16
CA VAL A 305 39.69 -24.98 12.57
C VAL A 305 40.47 -23.75 13.09
N ALA A 306 39.85 -22.83 13.82
CA ALA A 306 40.48 -21.67 14.49
C ALA A 306 39.60 -21.16 15.63
N SER A 307 40.02 -20.15 16.47
CA SER A 307 39.14 -19.83 17.63
C SER A 307 37.74 -19.34 17.23
N ASP A 308 37.64 -18.82 16.00
CA ASP A 308 36.43 -18.19 15.50
C ASP A 308 36.01 -18.76 14.14
N THR A 309 36.49 -19.96 13.76
CA THR A 309 36.28 -20.49 12.43
C THR A 309 35.98 -21.96 12.45
N TRP A 310 34.97 -22.34 11.68
CA TRP A 310 34.54 -23.72 11.52
C TRP A 310 34.38 -24.01 10.04
N GLU A 311 34.46 -25.31 9.67
CA GLU A 311 34.30 -25.75 8.30
C GLU A 311 33.35 -26.94 8.20
N ILE A 312 32.65 -27.01 7.06
CA ILE A 312 31.85 -28.14 6.61
C ILE A 312 32.34 -28.49 5.21
N LYS A 313 32.60 -29.76 4.94
CA LYS A 313 33.07 -30.20 3.63
C LYS A 313 32.01 -31.02 2.93
N MET A 314 31.75 -30.67 1.66
CA MET A 314 30.75 -31.35 0.87
C MET A 314 31.37 -31.83 -0.44
N ASP A 315 31.20 -33.12 -0.76
CA ASP A 315 31.70 -33.62 -2.04
C ASP A 315 30.80 -33.20 -3.21
N LYS A 316 29.53 -32.87 -2.93
CA LYS A 316 28.57 -32.53 -3.97
C LYS A 316 27.44 -31.75 -3.30
N VAL A 317 26.71 -30.99 -4.12
CA VAL A 317 25.43 -30.44 -3.68
C VAL A 317 24.38 -30.91 -4.67
N VAL A 318 23.45 -31.75 -4.22
CA VAL A 318 22.48 -32.35 -5.12
C VAL A 318 21.40 -31.38 -5.54
N THR A 319 20.91 -30.56 -4.60
CA THR A 319 19.85 -29.61 -4.88
C THR A 319 19.95 -28.47 -3.90
N PRO A 320 19.52 -27.27 -4.28
CA PRO A 320 19.32 -26.21 -3.29
C PRO A 320 18.09 -26.52 -2.45
N ALA A 321 17.95 -25.73 -1.37
CA ALA A 321 16.80 -25.81 -0.49
C ALA A 321 16.48 -24.37 -0.05
N HIS A 322 15.33 -24.17 0.61
CA HIS A 322 14.99 -22.82 1.01
C HIS A 322 14.28 -22.81 2.37
N GLN A 323 12.96 -22.99 2.40
CA GLN A 323 12.24 -22.74 3.64
C GLN A 323 12.54 -23.82 4.68
N ALA A 324 12.44 -23.43 5.97
CA ALA A 324 12.86 -24.31 7.05
C ALA A 324 12.00 -24.06 8.29
N GLY A 325 11.86 -25.09 9.13
CA GLY A 325 11.15 -24.87 10.37
C GLY A 325 11.11 -26.07 11.30
N PHE A 326 10.98 -25.75 12.59
CA PHE A 326 10.68 -26.75 13.61
C PHE A 326 9.19 -26.84 13.85
N SER A 327 8.75 -28.06 14.21
CA SER A 327 7.39 -28.25 14.70
C SER A 327 7.24 -27.60 16.08
N PRO A 328 5.99 -27.38 16.55
CA PRO A 328 5.81 -26.66 17.80
C PRO A 328 6.43 -27.32 19.01
N ASP A 329 6.50 -28.65 19.00
CA ASP A 329 7.13 -29.41 20.09
C ASP A 329 8.64 -29.55 19.92
N GLY A 330 9.20 -29.05 18.82
CA GLY A 330 10.63 -29.13 18.57
C GLY A 330 11.16 -30.50 18.20
N LYS A 331 10.28 -31.48 18.02
CA LYS A 331 10.74 -32.86 17.78
C LYS A 331 10.91 -33.20 16.31
N ASN A 332 10.47 -32.28 15.42
CA ASN A 332 10.70 -32.44 13.99
C ASN A 332 11.31 -31.15 13.47
N PHE A 333 12.17 -31.28 12.47
CA PHE A 333 12.70 -30.17 11.70
C PHE A 333 12.45 -30.46 10.22
N LEU A 334 11.99 -29.45 9.51
CA LEU A 334 11.66 -29.53 8.09
C LEU A 334 12.56 -28.61 7.30
N PHE A 335 12.96 -29.07 6.11
CA PHE A 335 13.71 -28.25 5.17
C PHE A 335 13.18 -28.57 3.78
N MET A 336 12.86 -27.54 3.02
CA MET A 336 12.24 -27.73 1.72
C MET A 336 13.31 -27.71 0.61
N ASN A 337 13.59 -28.88 0.05
CA ASN A 337 14.43 -28.95 -1.14
C ASN A 337 13.64 -28.36 -2.31
N GLY A 338 14.34 -27.64 -3.20
CA GLY A 338 13.69 -27.06 -4.36
C GLY A 338 14.46 -27.26 -5.65
N VAL A 339 13.68 -27.22 -6.74
CA VAL A 339 14.11 -27.11 -8.12
C VAL A 339 14.70 -28.42 -8.62
N ARG A 340 15.87 -28.84 -8.13
CA ARG A 340 16.41 -30.12 -8.55
C ARG A 340 15.69 -31.28 -7.88
N GLN A 341 15.18 -31.08 -6.66
CA GLN A 341 14.19 -31.92 -6.00
C GLN A 341 13.19 -30.97 -5.37
N ASN A 342 11.91 -31.27 -5.42
CA ASN A 342 10.88 -30.52 -4.68
C ASN A 342 10.23 -31.45 -3.69
N ASN A 343 10.55 -31.29 -2.41
CA ASN A 343 10.03 -32.18 -1.39
C ASN A 343 10.12 -31.50 -0.02
N ILE A 344 9.59 -32.17 0.98
CA ILE A 344 9.70 -31.73 2.37
C ILE A 344 10.56 -32.77 3.09
N MET A 345 11.76 -32.39 3.50
CA MET A 345 12.65 -33.30 4.22
C MET A 345 12.42 -33.12 5.71
N VAL A 346 12.31 -34.25 6.43
CA VAL A 346 11.96 -34.23 7.84
C VAL A 346 13.00 -34.96 8.66
N TRP A 347 13.52 -34.32 9.74
CA TRP A 347 14.42 -34.92 10.69
C TRP A 347 13.71 -35.14 12.03
N ASP A 348 14.10 -36.23 12.66
CA ASP A 348 13.80 -36.50 14.06
C ASP A 348 14.79 -35.72 14.93
N THR A 349 14.29 -34.65 15.54
CA THR A 349 15.07 -33.79 16.40
C THR A 349 14.66 -33.98 17.86
N SER A 350 14.08 -35.14 18.18
CA SER A 350 13.62 -35.38 19.53
C SER A 350 14.72 -35.35 20.59
N ASN A 351 15.97 -35.64 20.21
CA ASN A 351 17.06 -35.58 21.18
C ASN A 351 17.53 -34.14 21.38
N HIS A 352 16.98 -33.46 22.38
CA HIS A 352 17.32 -32.06 22.58
C HIS A 352 18.73 -31.86 23.12
N ALA A 353 19.34 -32.92 23.66
CA ALA A 353 20.68 -32.81 24.19
C ALA A 353 21.75 -32.75 23.13
N ASP A 354 21.50 -33.35 21.95
CA ASP A 354 22.61 -33.60 21.03
C ASP A 354 22.14 -33.59 19.58
N PRO A 355 22.24 -32.42 18.91
CA PRO A 355 21.83 -32.33 17.51
C PRO A 355 22.66 -33.17 16.54
N THR A 356 23.83 -33.65 16.96
CA THR A 356 24.57 -34.55 16.08
C THR A 356 23.83 -35.87 15.90
N LYS A 357 22.84 -36.16 16.74
CA LYS A 357 22.02 -37.35 16.64
C LYS A 357 20.75 -37.17 15.83
N TRP A 358 20.51 -35.95 15.32
CA TRP A 358 19.30 -35.70 14.55
C TRP A 358 19.40 -36.39 13.19
N THR A 359 18.37 -37.17 12.84
CA THR A 359 18.43 -38.03 11.68
C THR A 359 17.17 -37.91 10.84
N LYS A 360 17.33 -38.08 9.52
CA LYS A 360 16.18 -38.02 8.62
C LYS A 360 15.18 -39.12 8.99
N LYS A 361 13.92 -38.75 9.00
CA LYS A 361 12.86 -39.67 9.37
C LYS A 361 11.79 -39.81 8.30
N ALA A 362 11.60 -38.83 7.43
CA ALA A 362 10.54 -38.92 6.42
C ALA A 362 10.88 -37.91 5.33
N VAL A 363 10.25 -38.10 4.18
CA VAL A 363 10.30 -37.12 3.10
C VAL A 363 8.94 -37.11 2.45
N VAL A 364 8.36 -35.91 2.30
CA VAL A 364 7.07 -35.76 1.65
C VAL A 364 7.34 -35.45 0.19
N GLU A 365 6.79 -36.29 -0.69
CA GLU A 365 6.95 -36.16 -2.13
C GLU A 365 5.60 -36.29 -2.79
N ASP A 366 5.53 -35.93 -4.07
CA ASP A 366 4.30 -36.11 -4.83
C ASP A 366 4.63 -36.19 -6.31
N PRO A 367 3.89 -37.00 -7.10
CA PRO A 367 4.15 -37.04 -8.53
C PRO A 367 3.99 -35.69 -9.20
N GLY A 368 3.12 -34.84 -8.65
CA GLY A 368 2.91 -33.52 -9.20
C GLY A 368 4.03 -32.52 -8.93
N TRP A 369 5.02 -32.93 -8.13
CA TRP A 369 6.13 -32.05 -7.74
C TRP A 369 7.41 -32.40 -8.49
N ARG A 370 7.33 -33.22 -9.52
CA ARG A 370 8.50 -33.74 -10.19
C ARG A 370 9.18 -32.76 -11.13
N GLY A 371 8.47 -31.76 -11.62
CA GLY A 371 9.08 -30.78 -12.48
C GLY A 371 9.96 -29.81 -11.69
N SER A 372 10.44 -28.76 -12.35
CA SER A 372 11.21 -27.75 -11.64
C SER A 372 10.37 -27.03 -10.57
N TYR A 373 9.10 -26.86 -10.88
CA TYR A 373 8.11 -26.25 -10.02
C TYR A 373 6.95 -27.20 -9.92
N PRO A 374 6.11 -27.14 -8.87
CA PRO A 374 6.17 -26.16 -7.76
C PRO A 374 7.31 -26.48 -6.80
N ASN A 375 7.71 -25.41 -6.11
CA ASN A 375 8.57 -25.54 -4.95
C ASN A 375 7.72 -25.62 -3.68
N THR A 376 8.01 -26.60 -2.83
CA THR A 376 7.51 -26.61 -1.46
C THR A 376 8.10 -25.39 -0.74
N PHE A 377 7.25 -24.63 -0.07
CA PHE A 377 7.61 -23.27 0.28
C PHE A 377 7.31 -22.99 1.76
N HIS A 378 6.77 -21.80 2.08
CA HIS A 378 6.56 -21.40 3.46
C HIS A 378 5.61 -22.31 4.17
N MET A 379 5.66 -22.32 5.51
CA MET A 379 4.86 -23.27 6.25
C MET A 379 4.27 -22.64 7.52
N VAL A 380 3.28 -23.35 8.06
CA VAL A 380 2.81 -23.11 9.43
C VAL A 380 2.24 -24.43 9.96
N PHE A 381 2.55 -24.74 11.22
CA PHE A 381 1.99 -25.91 11.89
C PHE A 381 0.74 -25.51 12.67
N THR A 382 -0.17 -26.48 12.83
CA THR A 382 -1.19 -26.30 13.84
C THR A 382 -0.56 -26.35 15.21
N PRO A 383 -1.13 -25.65 16.22
CA PRO A 383 -0.57 -25.66 17.57
C PRO A 383 -0.37 -27.04 18.12
N ASP A 384 -1.29 -27.94 17.82
CA ASP A 384 -1.21 -29.30 18.33
C ASP A 384 -0.26 -30.17 17.51
N GLY A 385 0.39 -29.61 16.50
CA GLY A 385 1.38 -30.34 15.72
C GLY A 385 0.81 -31.37 14.74
N ARG A 386 -0.53 -31.51 14.63
CA ARG A 386 -1.10 -32.57 13.81
C ARG A 386 -0.98 -32.37 12.30
N LYS A 387 -0.96 -31.12 11.88
CA LYS A 387 -0.91 -30.81 10.46
C LYS A 387 0.11 -29.68 10.26
N VAL A 388 0.68 -29.65 9.05
CA VAL A 388 1.47 -28.51 8.61
C VAL A 388 0.93 -28.11 7.24
N TYR A 389 0.79 -26.83 7.05
CA TYR A 389 0.36 -26.22 5.80
C TYR A 389 1.60 -25.68 5.11
N VAL A 390 1.73 -25.95 3.82
CA VAL A 390 2.95 -25.63 3.08
C VAL A 390 2.57 -25.00 1.77
N THR A 391 3.05 -23.79 1.46
CA THR A 391 2.72 -23.20 0.18
C THR A 391 3.47 -23.91 -0.93
N LEU A 392 2.84 -23.85 -2.12
CA LEU A 392 3.38 -24.43 -3.35
C LEU A 392 3.57 -23.28 -4.34
N TRP A 393 4.83 -22.93 -4.61
CA TRP A 393 5.19 -21.76 -5.39
C TRP A 393 5.51 -22.14 -6.82
N TRP A 394 5.03 -21.33 -7.75
CA TRP A 394 5.37 -21.46 -9.17
C TRP A 394 5.60 -20.10 -9.76
N PRO A 395 6.40 -19.98 -10.80
CA PRO A 395 6.46 -18.76 -11.60
C PRO A 395 5.14 -18.56 -12.33
N SER A 396 4.93 -17.34 -12.81
CA SER A 396 3.78 -17.07 -13.65
C SER A 396 3.76 -18.03 -14.84
N PRO A 397 2.59 -18.47 -15.32
CA PRO A 397 1.25 -18.08 -14.89
C PRO A 397 0.51 -19.15 -14.08
N THR A 398 1.20 -20.17 -13.58
CA THR A 398 0.49 -21.28 -12.94
C THR A 398 -0.06 -20.84 -11.59
N PRO A 399 -1.33 -21.12 -11.27
CA PRO A 399 -1.85 -20.76 -9.94
C PRO A 399 -1.00 -21.45 -8.87
N ASN A 400 -0.62 -20.66 -7.87
CA ASN A 400 0.08 -21.19 -6.71
C ASN A 400 -0.93 -21.66 -5.69
N GLY A 401 -0.47 -22.42 -4.70
CA GLY A 401 -1.41 -23.05 -3.80
C GLY A 401 -0.90 -23.34 -2.43
N ILE A 402 -1.72 -24.10 -1.71
CA ILE A 402 -1.43 -24.56 -0.37
C ILE A 402 -1.58 -26.07 -0.34
N ALA A 403 -0.56 -26.75 0.20
CA ALA A 403 -0.59 -28.18 0.50
C ALA A 403 -0.88 -28.36 1.98
N VAL A 404 -1.70 -29.35 2.28
CA VAL A 404 -2.03 -29.72 3.63
C VAL A 404 -1.40 -31.07 3.91
N VAL A 405 -0.50 -31.13 4.91
CA VAL A 405 0.28 -32.30 5.18
C VAL A 405 -0.02 -32.83 6.56
N ASP A 406 -0.19 -34.14 6.67
CA ASP A 406 -0.31 -34.82 7.96
C ASP A 406 1.08 -34.87 8.62
N ALA A 407 1.25 -34.15 9.74
CA ALA A 407 2.55 -33.97 10.38
C ALA A 407 2.84 -35.02 11.43
N ARG A 408 2.04 -36.11 11.43
CA ARG A 408 2.37 -37.27 12.22
C ARG A 408 2.86 -38.41 11.33
N ASN A 409 2.19 -38.65 10.20
CA ASN A 409 2.59 -39.70 9.28
C ASN A 409 3.32 -39.19 8.04
N TRP A 410 3.39 -37.85 7.87
CA TRP A 410 4.19 -37.22 6.81
C TRP A 410 3.71 -37.60 5.42
N LYS A 411 2.40 -37.38 5.22
CA LYS A 411 1.71 -37.64 3.97
C LYS A 411 0.94 -36.42 3.52
N LEU A 412 0.93 -36.18 2.22
CA LEU A 412 0.16 -35.10 1.63
C LEU A 412 -1.30 -35.47 1.70
N LEU A 413 -2.15 -34.61 2.27
CA LEU A 413 -3.57 -34.81 2.38
C LEU A 413 -4.36 -34.13 1.27
N LYS A 414 -3.98 -32.93 0.88
CA LYS A 414 -4.78 -32.09 -0.01
C LYS A 414 -3.89 -31.04 -0.62
N SER A 415 -4.26 -30.53 -1.78
CA SER A 415 -3.64 -29.36 -2.40
C SER A 415 -4.75 -28.49 -2.94
N VAL A 416 -4.67 -27.17 -2.72
CA VAL A 416 -5.70 -26.23 -3.13
C VAL A 416 -5.02 -25.07 -3.87
N ASP A 417 -5.58 -24.65 -5.00
CA ASP A 417 -5.12 -23.48 -5.72
C ASP A 417 -5.65 -22.20 -5.11
N ILE A 418 -4.79 -21.17 -5.08
CA ILE A 418 -5.11 -19.88 -4.45
C ILE A 418 -4.99 -18.73 -5.46
N GLY A 419 -3.80 -18.50 -6.02
CA GLY A 419 -3.55 -17.28 -6.79
C GLY A 419 -2.08 -17.20 -7.14
N PRO A 420 -1.68 -16.14 -7.81
CA PRO A 420 -0.29 -16.01 -8.25
C PRO A 420 0.64 -15.66 -7.09
N ASP A 421 1.83 -16.27 -7.10
CA ASP A 421 2.93 -15.84 -6.22
C ASP A 421 2.53 -15.95 -4.74
N MET A 422 2.28 -17.17 -4.30
CA MET A 422 1.90 -17.44 -2.91
C MET A 422 3.14 -17.40 -2.01
N HIS A 423 3.01 -16.72 -0.85
CA HIS A 423 4.09 -16.67 0.12
C HIS A 423 3.71 -17.30 1.43
N THR A 424 3.75 -16.54 2.53
CA THR A 424 3.73 -17.07 3.86
C THR A 424 2.34 -17.39 4.35
N LEU A 425 2.39 -18.23 5.39
CA LEU A 425 1.21 -18.67 6.14
C LEU A 425 1.41 -18.40 7.62
N ALA A 426 0.39 -17.86 8.25
CA ALA A 426 0.26 -17.75 9.69
C ALA A 426 -0.95 -18.54 10.12
N ILE A 427 -1.13 -18.69 11.44
CA ILE A 427 -2.29 -19.40 11.96
C ILE A 427 -2.78 -18.65 13.18
N THR A 428 -4.12 -18.57 13.29
CA THR A 428 -4.68 -18.05 14.53
C THR A 428 -4.28 -18.97 15.67
N TYR A 429 -4.04 -18.43 16.88
CA TYR A 429 -3.34 -19.20 17.89
C TYR A 429 -4.21 -20.23 18.59
N ASP A 430 -5.51 -20.18 18.34
CA ASP A 430 -6.44 -21.26 18.70
C ASP A 430 -6.44 -22.40 17.68
N GLY A 431 -5.62 -22.29 16.63
CA GLY A 431 -5.50 -23.33 15.62
C GLY A 431 -6.59 -23.37 14.56
N LYS A 432 -7.53 -22.43 14.57
CA LYS A 432 -8.73 -22.58 13.76
C LYS A 432 -8.60 -22.08 12.31
N TYR A 433 -7.77 -21.11 12.02
CA TYR A 433 -7.70 -20.52 10.69
C TYR A 433 -6.26 -20.26 10.29
N VAL A 434 -5.88 -20.72 9.11
CA VAL A 434 -4.64 -20.33 8.45
C VAL A 434 -4.90 -19.06 7.66
N VAL A 435 -3.97 -18.13 7.74
CA VAL A 435 -4.05 -16.85 7.05
C VAL A 435 -2.78 -16.70 6.25
N GLY A 436 -2.90 -16.55 4.93
CA GLY A 436 -1.75 -16.44 4.06
C GLY A 436 -1.86 -15.25 3.14
N VAL A 437 -0.76 -15.03 2.40
CA VAL A 437 -0.68 -13.92 1.47
C VAL A 437 -0.15 -14.37 0.15
N PHE A 438 -0.68 -13.77 -0.92
CA PHE A 438 -0.14 -13.90 -2.27
C PHE A 438 0.06 -12.52 -2.86
N SER A 439 1.01 -12.42 -3.82
CA SER A 439 1.74 -11.15 -3.93
C SER A 439 2.01 -10.71 -5.36
N GLY A 440 1.44 -11.44 -6.32
CA GLY A 440 1.42 -10.93 -7.69
C GLY A 440 2.75 -10.72 -8.38
N TYR A 441 3.86 -11.29 -7.87
CA TYR A 441 5.15 -11.00 -8.47
C TYR A 441 5.41 -9.50 -8.52
N GLN A 442 4.87 -8.76 -7.53
CA GLN A 442 5.01 -7.30 -7.44
C GLN A 442 4.25 -6.53 -8.53
N LYS A 443 3.37 -7.20 -9.31
CA LYS A 443 2.74 -6.50 -10.43
C LYS A 443 1.32 -6.97 -10.74
N THR A 444 0.91 -8.19 -10.38
CA THR A 444 -0.43 -8.65 -10.68
C THR A 444 -1.16 -8.94 -9.37
N ALA A 445 -2.12 -9.86 -9.39
CA ALA A 445 -3.08 -9.98 -8.32
C ALA A 445 -2.41 -10.36 -7.00
N SER A 446 -2.97 -9.78 -5.92
CA SER A 446 -2.48 -9.95 -4.57
C SER A 446 -3.67 -10.04 -3.63
N GLY A 447 -3.44 -10.60 -2.44
CA GLY A 447 -4.55 -10.75 -1.51
C GLY A 447 -4.12 -11.46 -0.26
N ILE A 448 -5.06 -11.46 0.68
CA ILE A 448 -4.99 -12.21 1.92
C ILE A 448 -5.98 -13.36 1.83
N VAL A 449 -5.54 -14.59 2.07
CA VAL A 449 -6.40 -15.75 1.96
C VAL A 449 -6.57 -16.37 3.35
N ILE A 450 -7.76 -16.84 3.65
CA ILE A 450 -8.05 -17.46 4.92
C ILE A 450 -8.63 -18.83 4.71
N MET A 451 -8.09 -19.82 5.41
CA MET A 451 -8.49 -21.22 5.29
C MET A 451 -8.89 -21.78 6.65
N ASP A 452 -10.03 -22.47 6.70
CA ASP A 452 -10.51 -23.15 7.89
C ASP A 452 -9.73 -24.47 8.06
N THR A 453 -9.09 -24.68 9.21
CA THR A 453 -8.27 -25.85 9.41
C THR A 453 -9.06 -27.12 9.69
N LYS A 454 -10.35 -27.00 9.98
CA LYS A 454 -11.15 -28.19 10.20
C LYS A 454 -11.52 -28.82 8.86
N SER A 455 -12.03 -28.01 7.94
CA SER A 455 -12.42 -28.47 6.61
C SER A 455 -11.30 -28.40 5.56
N ASP A 456 -10.25 -27.65 5.86
CA ASP A 456 -9.19 -27.35 4.90
C ASP A 456 -9.73 -26.68 3.63
N GLU A 457 -10.71 -25.80 3.82
CA GLU A 457 -11.30 -25.07 2.72
C GLU A 457 -11.01 -23.59 2.88
N VAL A 458 -10.74 -22.93 1.77
CA VAL A 458 -10.63 -21.48 1.74
C VAL A 458 -11.97 -20.87 2.07
N VAL A 459 -12.00 -19.99 3.06
CA VAL A 459 -13.23 -19.29 3.41
C VAL A 459 -13.34 -17.95 2.75
N GLY A 460 -12.22 -17.34 2.33
CA GLY A 460 -12.33 -16.10 1.59
C GLY A 460 -10.97 -15.49 1.31
N ILE A 461 -11.00 -14.51 0.38
CA ILE A 461 -9.91 -13.63 0.07
C ILE A 461 -10.32 -12.22 0.41
N LEU A 462 -9.39 -11.47 1.03
CA LEU A 462 -9.53 -10.05 1.29
C LEU A 462 -8.51 -9.30 0.47
N PRO A 463 -8.83 -8.04 0.09
CA PRO A 463 -7.92 -7.29 -0.74
C PRO A 463 -6.65 -6.94 0.04
N SER A 464 -5.57 -6.79 -0.72
CA SER A 464 -4.28 -6.44 -0.10
C SER A 464 -3.39 -5.74 -1.09
N VAL A 465 -3.08 -4.47 -0.81
CA VAL A 465 -2.10 -3.74 -1.60
C VAL A 465 -0.75 -4.12 -1.02
N GLY A 466 -0.13 -5.12 -1.58
CA GLY A 466 1.10 -5.62 -0.99
C GLY A 466 1.76 -6.64 -1.92
N GLY A 467 3.08 -6.63 -1.87
CA GLY A 467 3.91 -7.63 -2.48
C GLY A 467 4.53 -8.57 -1.46
N HIS A 468 3.92 -8.64 -0.29
CA HIS A 468 4.35 -9.37 0.91
C HIS A 468 5.02 -10.70 0.64
N HIS A 469 6.21 -10.82 1.20
CA HIS A 469 6.90 -12.10 1.34
C HIS A 469 6.85 -12.58 2.79
N ASP A 470 6.03 -11.96 3.62
CA ASP A 470 5.87 -12.40 5.01
C ASP A 470 4.49 -12.02 5.49
N CYS A 471 4.17 -12.57 6.68
CA CYS A 471 3.00 -12.21 7.43
C CYS A 471 3.09 -12.87 8.78
N VAL A 472 2.53 -12.19 9.80
CA VAL A 472 2.46 -12.75 11.14
C VAL A 472 1.12 -12.35 11.75
N ILE A 473 0.66 -13.18 12.70
CA ILE A 473 -0.43 -12.79 13.57
C ILE A 473 0.21 -12.37 14.89
N VAL A 474 -0.18 -11.22 15.43
CA VAL A 474 0.50 -10.75 16.62
C VAL A 474 0.26 -11.72 17.78
N PRO A 475 1.31 -12.25 18.41
CA PRO A 475 1.13 -13.22 19.48
C PRO A 475 0.87 -12.56 20.82
N LYS A 476 0.26 -13.32 21.74
CA LYS A 476 0.07 -12.90 23.13
C LYS A 476 1.07 -13.53 24.07
N THR A 477 1.60 -14.71 23.73
CA THR A 477 2.43 -15.45 24.66
C THR A 477 3.60 -16.09 23.94
N VAL A 478 4.57 -16.56 24.72
CA VAL A 478 5.66 -17.34 24.14
C VAL A 478 5.16 -18.66 23.58
N GLU A 479 4.05 -19.22 24.07
CA GLU A 479 3.53 -20.42 23.46
C GLU A 479 3.04 -20.17 22.01
N ASP A 480 2.48 -18.98 21.78
CA ASP A 480 2.07 -18.61 20.44
C ASP A 480 3.24 -18.59 19.46
N LEU A 481 4.42 -18.15 19.92
CA LEU A 481 5.57 -18.07 19.05
C LEU A 481 5.95 -19.43 18.46
N ARG A 482 5.55 -20.52 19.09
CA ARG A 482 5.83 -21.84 18.53
C ARG A 482 5.21 -22.04 17.15
N CYS A 483 4.17 -21.28 16.82
CA CYS A 483 3.52 -21.31 15.52
C CYS A 483 3.55 -19.94 14.86
N SER A 484 4.63 -19.18 15.06
CA SER A 484 4.79 -17.89 14.44
C SER A 484 6.18 -17.80 13.80
N ARG A 485 6.60 -16.56 13.54
CA ARG A 485 7.85 -16.28 12.82
C ARG A 485 9.00 -16.31 13.84
N CYS A 486 9.29 -17.54 14.24
CA CYS A 486 10.20 -17.87 15.32
C CYS A 486 10.74 -19.26 14.99
N THR A 487 9.84 -20.24 14.93
CA THR A 487 10.18 -21.62 14.68
C THR A 487 10.30 -21.96 13.19
N THR A 488 9.63 -21.20 12.32
CA THR A 488 9.62 -21.51 10.88
C THR A 488 9.64 -20.23 10.10
N THR A 489 10.00 -20.39 8.82
CA THR A 489 9.71 -19.40 7.78
C THR A 489 8.36 -19.67 7.09
N THR B 24 -16.18 -21.61 9.05
CA THR B 24 -17.64 -21.64 9.42
C THR B 24 -18.48 -20.79 8.48
N THR B 25 -18.04 -19.61 8.06
CA THR B 25 -18.76 -18.76 7.09
C THR B 25 -17.80 -18.41 5.95
N LYS B 26 -18.27 -18.52 4.70
CA LYS B 26 -17.49 -18.12 3.55
C LYS B 26 -17.91 -16.74 3.09
N ILE B 27 -16.98 -16.01 2.48
CA ILE B 27 -17.23 -14.64 2.04
C ILE B 27 -17.96 -14.56 0.70
N GLU B 28 -18.13 -15.66 -0.02
CA GLU B 28 -18.64 -15.60 -1.39
C GLU B 28 -19.96 -14.84 -1.49
N GLU B 29 -20.92 -15.11 -0.60
CA GLU B 29 -22.20 -14.44 -0.73
C GLU B 29 -22.05 -12.94 -0.53
N PHE B 30 -21.11 -12.53 0.33
CA PHE B 30 -20.90 -11.12 0.55
C PHE B 30 -20.48 -10.45 -0.76
N TYR B 31 -19.45 -11.02 -1.44
CA TYR B 31 -18.99 -10.41 -2.69
C TYR B 31 -20.01 -10.57 -3.82
N ALA B 32 -20.75 -11.68 -3.86
CA ALA B 32 -21.64 -11.98 -4.98
C ALA B 32 -22.69 -10.90 -5.14
N GLN B 33 -23.05 -10.23 -4.03
CA GLN B 33 -24.13 -9.25 -4.04
C GLN B 33 -23.80 -8.02 -4.86
N PHE B 34 -22.52 -7.77 -5.10
CA PHE B 34 -22.12 -6.53 -5.73
C PHE B 34 -22.13 -6.58 -7.27
N GLY B 35 -22.03 -7.75 -7.88
CA GLY B 35 -21.83 -7.64 -9.32
C GLY B 35 -20.41 -7.19 -9.63
N LYS B 36 -20.13 -7.03 -10.90
CA LYS B 36 -18.75 -7.01 -11.35
C LYS B 36 -18.28 -5.58 -11.49
N TYR B 37 -17.65 -5.09 -10.43
CA TYR B 37 -17.16 -3.73 -10.37
C TYR B 37 -15.75 -3.75 -9.76
N ILE B 38 -14.92 -2.86 -10.33
CA ILE B 38 -13.53 -2.66 -9.90
C ILE B 38 -13.43 -1.31 -9.23
N LEU B 39 -12.91 -1.34 -7.99
CA LEU B 39 -12.65 -0.13 -7.21
C LEU B 39 -11.18 0.25 -7.39
N LEU B 40 -10.95 1.50 -7.78
CA LEU B 40 -9.61 2.06 -7.94
C LEU B 40 -9.37 3.08 -6.84
N VAL B 41 -8.20 2.99 -6.18
CA VAL B 41 -7.88 3.89 -5.09
C VAL B 41 -6.44 4.35 -5.16
N PRO B 42 -6.21 5.64 -4.87
CA PRO B 42 -4.87 6.14 -4.59
C PRO B 42 -4.56 5.98 -3.10
N GLY B 43 -3.29 5.99 -2.75
CA GLY B 43 -2.90 5.70 -1.38
C GLY B 43 -2.45 6.89 -0.55
N LYS B 44 -2.39 8.08 -1.13
CA LYS B 44 -1.91 9.29 -0.41
C LYS B 44 -0.52 8.97 0.14
N PHE B 45 -0.28 8.98 1.45
CA PHE B 45 1.07 8.78 1.95
C PHE B 45 1.61 7.37 1.72
N THR B 46 0.78 6.39 1.32
CA THR B 46 1.38 5.11 0.97
C THR B 46 2.16 5.18 -0.33
N GLY B 47 1.82 6.12 -1.22
CA GLY B 47 2.48 6.19 -2.52
C GLY B 47 2.00 5.22 -3.58
N THR B 48 0.90 4.52 -3.32
CA THR B 48 0.41 3.49 -4.25
C THR B 48 -0.86 3.93 -4.97
N VAL B 49 -1.16 3.18 -6.03
CA VAL B 49 -2.49 3.10 -6.60
C VAL B 49 -2.82 1.63 -6.74
N ALA B 50 -4.10 1.27 -6.64
CA ALA B 50 -4.52 -0.13 -6.63
C ALA B 50 -5.92 -0.26 -7.18
N ALA B 51 -6.19 -1.43 -7.76
CA ALA B 51 -7.52 -1.81 -8.23
C ALA B 51 -7.96 -3.10 -7.54
N HIS B 52 -9.18 -3.08 -7.02
CA HIS B 52 -9.72 -4.23 -6.31
C HIS B 52 -10.96 -4.73 -7.01
N ASP B 53 -11.06 -6.05 -7.13
CA ASP B 53 -12.20 -6.70 -7.72
C ASP B 53 -13.24 -6.99 -6.65
N LEU B 54 -14.34 -6.21 -6.67
CA LEU B 54 -15.36 -6.37 -5.63
C LEU B 54 -16.13 -7.66 -5.78
N SER B 55 -15.95 -8.40 -6.88
CA SER B 55 -16.61 -9.70 -7.05
C SER B 55 -15.84 -10.86 -6.43
N THR B 56 -14.57 -10.68 -6.10
CA THR B 56 -13.74 -11.76 -5.57
C THR B 56 -12.94 -11.40 -4.33
N GLY B 57 -12.77 -10.11 -4.04
CA GLY B 57 -11.88 -9.70 -2.96
C GLY B 57 -10.43 -9.57 -3.36
N ARG B 58 -10.06 -9.94 -4.58
CA ARG B 58 -8.66 -9.89 -4.98
C ARG B 58 -8.29 -8.45 -5.35
N THR B 59 -7.06 -8.09 -5.03
CA THR B 59 -6.47 -6.90 -5.60
C THR B 59 -5.92 -7.28 -6.96
N LEU B 60 -6.44 -6.67 -8.03
CA LEU B 60 -6.04 -7.03 -9.37
C LEU B 60 -4.62 -6.61 -9.69
N ALA B 61 -4.22 -5.42 -9.21
CA ALA B 61 -2.92 -4.86 -9.53
C ALA B 61 -2.71 -3.65 -8.62
N TRP B 62 -1.44 -3.35 -8.42
CA TRP B 62 -1.07 -2.12 -7.74
C TRP B 62 0.24 -1.61 -8.33
N LEU B 63 0.53 -0.34 -8.05
CA LEU B 63 1.74 0.32 -8.49
C LEU B 63 2.21 1.24 -7.36
N ALA B 64 3.51 1.25 -7.12
CA ALA B 64 4.14 2.05 -6.08
C ALA B 64 4.98 3.13 -6.76
N GLY B 65 4.60 4.39 -6.57
CA GLY B 65 5.27 5.45 -7.30
C GLY B 65 6.75 5.59 -7.00
N TRP B 66 7.17 5.29 -5.77
CA TRP B 66 8.58 5.43 -5.45
C TRP B 66 9.44 4.46 -6.25
N ASN B 67 8.86 3.32 -6.70
CA ASN B 67 9.63 2.38 -7.49
C ASN B 67 10.17 3.05 -8.75
N TYR B 68 9.44 4.04 -9.26
CA TYR B 68 9.72 4.72 -10.51
C TYR B 68 10.58 5.94 -10.30
N GLY B 69 11.01 6.24 -9.08
CA GLY B 69 11.86 7.38 -8.82
C GLY B 69 11.10 8.63 -8.43
N ASP B 70 9.79 8.54 -8.23
CA ASP B 70 9.05 9.65 -7.65
C ASP B 70 9.29 9.59 -6.16
N THR B 71 10.09 10.51 -5.66
CA THR B 71 10.56 10.39 -4.30
C THR B 71 9.57 10.94 -3.24
N ASN B 72 8.48 11.56 -3.69
CA ASN B 72 7.45 12.08 -2.78
C ASN B 72 6.11 11.80 -3.41
N PRO B 73 5.77 10.52 -3.58
CA PRO B 73 4.57 10.14 -4.36
C PRO B 73 3.31 10.20 -3.52
N ILE B 74 2.88 11.42 -3.17
CA ILE B 74 1.64 11.59 -2.44
C ILE B 74 0.53 11.44 -3.48
N MET B 75 0.10 10.19 -3.70
CA MET B 75 -0.86 9.85 -4.76
C MET B 75 -2.22 10.37 -4.34
N HIS B 76 -2.75 11.32 -5.13
CA HIS B 76 -3.79 12.20 -4.61
C HIS B 76 -5.16 11.93 -5.21
N HIS B 77 -5.44 12.49 -6.38
CA HIS B 77 -6.75 12.38 -7.00
C HIS B 77 -6.66 11.61 -8.31
N MET B 78 -7.83 11.12 -8.77
CA MET B 78 -7.82 10.28 -9.95
C MET B 78 -9.20 10.27 -10.56
N ALA B 79 -9.21 9.93 -11.87
CA ALA B 79 -10.43 9.65 -12.59
C ALA B 79 -10.14 8.56 -13.61
N ALA B 80 -11.11 7.68 -13.82
CA ALA B 80 -11.00 6.61 -14.81
C ALA B 80 -11.92 6.86 -16.00
N PHE B 81 -11.50 6.36 -17.15
CA PHE B 81 -12.27 6.55 -18.39
C PHE B 81 -13.12 5.33 -18.69
N PRO B 82 -14.21 5.48 -19.45
CA PRO B 82 -15.02 4.33 -19.81
C PRO B 82 -14.24 3.26 -20.55
N SER B 83 -14.45 2.01 -20.13
CA SER B 83 -13.87 0.85 -20.78
C SER B 83 -14.98 -0.12 -21.12
N PRO B 84 -14.97 -0.69 -22.32
CA PRO B 84 -15.99 -1.68 -22.66
C PRO B 84 -15.98 -2.90 -21.74
N ASP B 85 -14.81 -3.26 -21.21
CA ASP B 85 -14.70 -4.37 -20.27
C ASP B 85 -13.54 -4.09 -19.33
N PRO B 86 -13.82 -3.45 -18.19
CA PRO B 86 -12.76 -3.09 -17.25
C PRO B 86 -11.86 -4.26 -16.87
N TYR B 87 -12.40 -5.48 -16.82
CA TYR B 87 -11.60 -6.62 -16.42
C TYR B 87 -10.52 -7.01 -17.44
N LYS B 88 -10.72 -6.60 -18.70
CA LYS B 88 -9.72 -6.79 -19.75
C LYS B 88 -8.76 -5.61 -19.87
N GLY B 89 -9.16 -4.43 -19.40
CA GLY B 89 -8.30 -3.28 -19.47
C GLY B 89 -9.08 -2.02 -19.13
N PHE B 90 -8.35 -1.02 -18.64
CA PHE B 90 -8.92 0.30 -18.45
C PHE B 90 -7.76 1.28 -18.27
N GLU B 91 -8.08 2.58 -18.32
CA GLU B 91 -7.12 3.64 -18.17
C GLU B 91 -7.61 4.67 -17.19
N PHE B 92 -6.66 5.37 -16.56
CA PHE B 92 -6.99 6.40 -15.59
C PHE B 92 -5.85 7.40 -15.52
N ILE B 93 -6.17 8.56 -14.92
CA ILE B 93 -5.20 9.56 -14.55
C ILE B 93 -5.13 9.60 -13.03
N VAL B 94 -3.92 9.67 -12.47
CA VAL B 94 -3.75 9.93 -11.04
C VAL B 94 -2.67 10.98 -10.90
N ASN B 95 -2.85 11.95 -9.98
CA ASN B 95 -1.84 12.96 -9.76
C ASN B 95 -1.20 12.80 -8.37
N THR B 96 -0.21 13.65 -8.12
CA THR B 96 0.48 13.67 -6.86
C THR B 96 0.65 15.10 -6.37
N GLN B 97 0.78 15.18 -5.04
CA GLN B 97 1.29 16.36 -4.37
C GLN B 97 2.73 16.11 -3.89
C GLN B 97 2.80 16.25 -4.23
N GLY B 98 3.38 17.22 -3.54
CA GLY B 98 4.76 17.18 -3.13
C GLY B 98 5.05 18.36 -2.22
N GLY B 99 6.35 18.58 -2.03
CA GLY B 99 6.77 19.62 -1.13
C GLY B 99 6.27 19.41 0.28
N LYS B 100 5.91 20.51 0.93
CA LYS B 100 5.53 20.50 2.33
C LYS B 100 4.18 19.90 2.61
N ASN B 101 3.46 19.42 1.57
CA ASN B 101 2.33 18.56 1.84
C ASN B 101 2.72 17.29 2.60
N LEU B 102 4.01 16.92 2.53
CA LEU B 102 4.49 15.78 3.32
C LEU B 102 4.39 16.02 4.83
N PHE B 103 4.33 17.29 5.25
CA PHE B 103 4.53 17.68 6.65
C PHE B 103 3.26 18.07 7.40
N ILE B 104 2.07 17.85 6.81
CA ILE B 104 0.87 18.40 7.40
C ILE B 104 -0.02 17.35 8.06
N TYR B 105 0.47 16.10 8.18
CA TYR B 105 -0.32 15.01 8.70
CA TYR B 105 -0.34 15.08 8.82
C TYR B 105 0.31 14.48 10.03
N GLY B 106 1.25 15.21 10.63
CA GLY B 106 1.76 14.80 11.94
C GLY B 106 2.74 13.62 11.91
N ILE B 107 3.19 13.18 10.76
CA ILE B 107 4.16 12.10 10.68
C ILE B 107 5.50 12.64 11.14
N PRO B 108 6.20 12.01 12.11
CA PRO B 108 7.44 12.61 12.64
C PRO B 108 8.64 12.28 11.76
N THR B 109 8.56 12.68 10.51
CA THR B 109 9.64 12.49 9.55
C THR B 109 10.74 13.53 9.75
N THR B 110 11.98 13.12 9.48
CA THR B 110 13.13 13.98 9.52
C THR B 110 13.52 14.47 8.14
N VAL B 111 12.74 14.13 7.11
CA VAL B 111 13.07 14.59 5.76
C VAL B 111 13.11 16.11 5.76
N LYS B 112 14.18 16.64 5.17
CA LYS B 112 14.40 18.08 5.10
C LYS B 112 13.98 18.65 3.75
N GLU B 113 14.26 17.92 2.68
CA GLU B 113 14.07 18.39 1.32
C GLU B 113 13.14 17.44 0.58
N PRO B 114 11.81 17.58 0.73
CA PRO B 114 10.89 16.63 0.12
C PRO B 114 10.93 16.74 -1.40
N GLY B 115 10.67 15.65 -2.11
CA GLY B 115 10.48 15.72 -3.53
C GLY B 115 9.37 16.71 -3.90
N GLU B 116 9.57 17.30 -5.08
CA GLU B 116 8.67 18.37 -5.50
C GLU B 116 7.25 18.01 -5.91
N GLY B 117 7.10 16.74 -6.37
CA GLY B 117 5.80 16.22 -6.72
C GLY B 117 5.07 17.00 -7.81
N PHE B 118 3.75 17.03 -7.73
CA PHE B 118 2.88 17.62 -8.74
C PHE B 118 2.99 16.87 -10.06
N ASN B 119 3.11 15.56 -9.99
CA ASN B 119 3.08 14.74 -11.20
C ASN B 119 1.64 14.42 -11.58
N ILE B 120 1.43 14.15 -12.87
CA ILE B 120 0.14 13.71 -13.41
C ILE B 120 0.39 12.48 -14.26
N TYR B 121 -0.02 11.32 -13.80
CA TYR B 121 0.32 10.07 -14.45
C TYR B 121 -0.87 9.49 -15.17
N ARG B 122 -0.61 8.97 -16.37
CA ARG B 122 -1.55 8.13 -17.11
C ARG B 122 -1.16 6.68 -16.90
N VAL B 123 -2.13 5.90 -16.44
CA VAL B 123 -1.89 4.50 -16.07
C VAL B 123 -2.90 3.65 -16.82
N ARG B 124 -2.45 2.51 -17.34
CA ARG B 124 -3.33 1.56 -17.99
C ARG B 124 -3.25 0.22 -17.31
N TYR B 125 -4.39 -0.36 -16.99
CA TYR B 125 -4.48 -1.76 -16.60
C TYR B 125 -4.67 -2.59 -17.87
N ASP B 126 -3.92 -3.67 -18.00
CA ASP B 126 -3.93 -4.47 -19.23
C ASP B 126 -4.58 -5.83 -19.04
N GLY B 127 -5.28 -6.05 -17.93
CA GLY B 127 -5.83 -7.36 -17.60
C GLY B 127 -4.97 -8.18 -16.68
N THR B 128 -3.74 -7.76 -16.47
CA THR B 128 -2.77 -8.41 -15.58
C THR B 128 -2.11 -7.42 -14.63
N LYS B 129 -1.72 -6.26 -15.12
CA LYS B 129 -0.89 -5.35 -14.34
C LYS B 129 -1.20 -3.92 -14.76
N PHE B 130 -0.72 -2.99 -13.93
CA PHE B 130 -0.67 -1.57 -14.30
C PHE B 130 0.58 -1.27 -15.10
N ASN B 131 0.40 -0.35 -16.05
CA ASN B 131 1.46 0.19 -16.89
C ASN B 131 1.45 1.69 -16.75
N LEU B 132 2.59 2.26 -16.36
CA LEU B 132 2.77 3.70 -16.26
C LEU B 132 3.06 4.20 -17.69
N VAL B 133 2.06 4.80 -18.31
CA VAL B 133 2.12 5.16 -19.71
C VAL B 133 2.89 6.45 -19.95
N SER B 134 2.59 7.47 -19.12
CA SER B 134 3.18 8.78 -19.32
C SER B 134 3.04 9.63 -18.06
N ASN B 135 3.93 10.61 -17.97
CA ASN B 135 3.81 11.70 -16.99
C ASN B 135 3.39 12.94 -17.78
N ILE B 136 2.10 13.20 -17.74
CA ILE B 136 1.52 14.30 -18.47
C ILE B 136 2.01 15.65 -17.91
N ALA B 137 2.33 15.72 -16.61
CA ALA B 137 2.89 16.96 -16.06
C ALA B 137 4.23 17.28 -16.72
N GLU B 138 5.09 16.29 -16.86
CA GLU B 138 6.37 16.50 -17.51
C GLU B 138 6.18 16.85 -18.97
N LYS B 139 5.26 16.17 -19.65
CA LYS B 139 5.08 16.41 -21.08
C LYS B 139 4.55 17.81 -21.37
N THR B 140 3.63 18.29 -20.52
CA THR B 140 2.95 19.54 -20.79
C THR B 140 3.55 20.73 -20.05
N GLY B 141 4.27 20.47 -18.96
CA GLY B 141 4.79 21.51 -18.08
C GLY B 141 3.82 21.99 -17.00
N LEU B 142 2.64 21.36 -16.89
CA LEU B 142 1.68 21.73 -15.87
C LEU B 142 1.66 20.71 -14.75
N GLY B 143 2.21 21.11 -13.59
CA GLY B 143 2.20 20.27 -12.40
C GLY B 143 1.07 20.72 -11.49
N LEU B 144 0.00 19.93 -11.40
CA LEU B 144 -1.25 20.31 -10.73
C LEU B 144 -1.66 19.15 -9.82
N GLY B 145 -1.96 19.47 -8.55
CA GLY B 145 -2.03 18.48 -7.50
C GLY B 145 -3.34 18.27 -6.75
N VAL B 146 -4.44 18.93 -7.16
CA VAL B 146 -5.72 18.73 -6.51
C VAL B 146 -6.64 17.92 -7.42
N HIS B 147 -7.91 18.24 -7.58
CA HIS B 147 -8.80 17.23 -8.14
C HIS B 147 -8.55 17.00 -9.63
N VAL B 148 -8.75 15.73 -10.01
CA VAL B 148 -8.73 15.20 -11.37
C VAL B 148 -10.16 14.81 -11.72
N THR B 149 -10.66 15.26 -12.88
CA THR B 149 -12.01 14.90 -13.30
C THR B 149 -11.97 14.51 -14.79
N ALA B 150 -12.73 13.46 -15.13
CA ALA B 150 -12.88 13.08 -16.54
C ALA B 150 -13.96 13.97 -17.17
N THR B 151 -13.79 14.29 -18.46
CA THR B 151 -14.85 14.96 -19.17
C THR B 151 -16.02 14.01 -19.41
N PRO B 152 -17.22 14.55 -19.68
CA PRO B 152 -18.39 13.69 -19.85
C PRO B 152 -18.31 12.73 -21.03
N ASP B 153 -17.54 13.06 -22.07
CA ASP B 153 -17.38 12.14 -23.17
C ASP B 153 -16.27 11.13 -22.94
N GLY B 154 -15.55 11.23 -21.82
CA GLY B 154 -14.51 10.25 -21.54
C GLY B 154 -13.23 10.43 -22.35
N LYS B 155 -13.10 11.55 -23.10
CA LYS B 155 -11.98 11.75 -23.99
C LYS B 155 -10.95 12.79 -23.50
N GLY B 156 -11.26 13.45 -22.40
CA GLY B 156 -10.39 14.44 -21.83
C GLY B 156 -10.48 14.38 -20.32
N PHE B 157 -9.73 15.26 -19.67
CA PHE B 157 -9.77 15.34 -18.22
C PHE B 157 -9.26 16.71 -17.79
N ALA B 158 -9.65 17.12 -16.60
CA ALA B 158 -9.17 18.36 -16.02
C ALA B 158 -8.40 18.05 -14.73
N VAL B 159 -7.48 18.96 -14.43
CA VAL B 159 -6.80 18.94 -13.12
C VAL B 159 -6.77 20.36 -12.62
N ALA B 160 -7.02 20.56 -11.32
CA ALA B 160 -6.95 21.85 -10.67
C ALA B 160 -5.91 21.81 -9.57
N ASP B 161 -5.40 22.98 -9.20
CA ASP B 161 -4.45 23.07 -8.11
C ASP B 161 -4.72 24.31 -7.27
N GLY B 162 -4.84 24.12 -5.95
CA GLY B 162 -5.16 25.20 -5.03
C GLY B 162 -3.99 25.78 -4.27
N GLN B 163 -2.77 25.36 -4.61
CA GLN B 163 -1.58 26.09 -4.18
C GLN B 163 -1.15 27.09 -5.25
N LYS B 164 -1.32 26.73 -6.52
CA LYS B 164 -0.93 27.56 -7.64
C LYS B 164 -2.10 28.35 -8.21
N ASP B 165 -3.31 27.88 -7.94
CA ASP B 165 -4.54 28.43 -8.51
C ASP B 165 -4.53 28.41 -10.03
N ILE B 166 -4.18 27.24 -10.54
CA ILE B 166 -4.22 26.95 -11.97
C ILE B 166 -5.13 25.75 -12.18
N PHE B 167 -5.87 25.75 -13.29
CA PHE B 167 -6.49 24.52 -13.75
C PHE B 167 -6.28 24.40 -15.25
N ALA B 168 -6.42 23.18 -15.73
CA ALA B 168 -6.31 22.90 -17.17
C ALA B 168 -7.24 21.77 -17.53
N GLU B 169 -7.71 21.80 -18.79
CA GLU B 169 -8.36 20.66 -19.41
C GLU B 169 -7.41 20.11 -20.48
N PHE B 170 -7.30 18.78 -20.51
CA PHE B 170 -6.35 18.05 -21.32
C PHE B 170 -7.11 17.12 -22.28
N ASP B 171 -6.55 16.91 -23.47
CA ASP B 171 -7.01 15.89 -24.40
C ASP B 171 -6.27 14.59 -24.10
N LEU B 172 -7.00 13.49 -23.88
CA LEU B 172 -6.31 12.26 -23.51
C LEU B 172 -5.50 11.68 -24.67
N ALA B 173 -6.07 11.61 -25.86
CA ALA B 173 -5.40 10.92 -26.97
C ALA B 173 -4.05 11.54 -27.29
N THR B 174 -3.99 12.88 -27.28
CA THR B 174 -2.78 13.58 -27.65
C THR B 174 -1.99 14.06 -26.44
N GLU B 175 -2.50 13.82 -25.24
CA GLU B 175 -1.84 14.24 -24.00
C GLU B 175 -1.43 15.71 -24.07
N SER B 176 -2.36 16.53 -24.53
CA SER B 176 -2.11 17.94 -24.78
C SER B 176 -3.07 18.81 -23.97
N VAL B 177 -2.62 20.06 -23.79
CA VAL B 177 -3.41 21.04 -23.07
C VAL B 177 -4.43 21.67 -24.00
N ARG B 178 -5.71 21.56 -23.67
CA ARG B 178 -6.77 22.27 -24.37
C ARG B 178 -6.85 23.72 -23.92
N THR B 179 -6.73 23.95 -22.64
CA THR B 179 -6.75 25.28 -22.06
C THR B 179 -6.13 25.21 -20.67
N ALA B 180 -5.58 26.33 -20.22
CA ALA B 180 -5.09 26.47 -18.86
C ALA B 180 -5.38 27.90 -18.41
N PHE B 181 -5.79 28.05 -17.13
CA PHE B 181 -6.11 29.34 -16.56
C PHE B 181 -5.43 29.49 -15.21
N LEU B 182 -5.04 30.73 -14.90
CA LEU B 182 -4.60 31.18 -13.60
C LEU B 182 -5.67 32.06 -12.98
N VAL B 183 -5.95 31.88 -11.70
CA VAL B 183 -6.89 32.71 -10.98
C VAL B 183 -6.14 33.38 -9.83
N ASP B 184 -6.37 34.68 -9.65
CA ASP B 184 -5.66 35.43 -8.62
C ASP B 184 -6.63 36.27 -7.82
N TRP B 185 -6.31 36.48 -6.56
CA TRP B 185 -7.08 37.35 -5.65
C TRP B 185 -6.32 38.63 -5.36
N LYS B 186 -7.01 39.77 -5.49
CA LYS B 186 -6.48 41.04 -5.06
C LYS B 186 -7.37 41.53 -3.93
N PRO B 187 -6.91 41.41 -2.66
CA PRO B 187 -7.80 41.70 -1.56
C PRO B 187 -8.08 43.19 -1.42
N ASN B 188 -9.28 43.54 -0.98
CA ASN B 188 -9.61 44.91 -0.64
C ASN B 188 -8.80 45.39 0.56
N ASN B 189 -8.66 44.52 1.55
CA ASN B 189 -7.92 44.78 2.78
C ASN B 189 -6.70 43.87 2.78
N SER B 190 -5.52 44.48 2.81
CA SER B 190 -4.28 43.74 2.69
C SER B 190 -3.94 43.00 3.99
N ASP B 191 -4.63 43.27 5.10
CA ASP B 191 -4.42 42.51 6.31
C ASP B 191 -4.85 41.07 6.12
N LEU B 192 -3.97 40.13 6.45
CA LEU B 192 -4.23 38.74 6.16
C LEU B 192 -5.55 38.23 6.75
N LYS B 193 -5.90 38.65 7.96
CA LYS B 193 -7.12 38.14 8.56
C LYS B 193 -8.39 38.66 7.87
N ARG B 194 -8.27 39.77 7.15
CA ARG B 194 -9.38 40.42 6.49
C ARG B 194 -9.37 40.27 4.98
N ALA B 195 -8.38 39.53 4.45
CA ALA B 195 -8.10 39.56 3.03
C ALA B 195 -9.22 38.99 2.20
N TRP B 196 -10.03 38.09 2.77
CA TRP B 196 -11.18 37.57 2.05
C TRP B 196 -12.49 38.13 2.59
N LEU B 197 -12.65 38.22 3.90
CA LEU B 197 -13.89 38.76 4.45
C LEU B 197 -14.29 40.08 3.81
N GLU B 198 -13.35 41.00 3.63
CA GLU B 198 -13.67 42.33 3.17
C GLU B 198 -13.64 42.45 1.65
N GLY B 199 -13.63 41.29 0.98
CA GLY B 199 -13.82 41.26 -0.46
C GLY B 199 -12.53 41.46 -1.23
N GLY B 200 -12.69 41.56 -2.54
CA GLY B 200 -11.56 41.68 -3.43
C GLY B 200 -11.99 41.54 -4.88
N THR B 201 -10.98 41.47 -5.75
CA THR B 201 -11.18 41.23 -7.16
C THR B 201 -10.50 39.92 -7.50
N MET B 202 -11.27 39.02 -8.12
CA MET B 202 -10.70 37.80 -8.64
C MET B 202 -10.42 38.00 -10.12
N THR B 203 -9.16 37.77 -10.53
CA THR B 203 -8.76 37.90 -11.92
C THR B 203 -8.53 36.50 -12.48
N ILE B 204 -9.07 36.23 -13.66
CA ILE B 204 -8.94 34.97 -14.37
C ILE B 204 -8.17 35.26 -15.64
N THR B 205 -7.06 34.56 -15.83
CA THR B 205 -6.20 34.80 -16.98
C THR B 205 -6.02 33.49 -17.73
N ARG B 206 -6.24 33.53 -19.04
CA ARG B 206 -5.95 32.37 -19.87
C ARG B 206 -4.46 32.33 -20.05
N LEU B 207 -3.82 31.22 -19.71
CA LEU B 207 -2.39 31.13 -19.83
C LEU B 207 -2.00 30.75 -21.26
N LYS B 208 -0.76 31.09 -21.61
CA LYS B 208 -0.14 30.62 -22.84
C LYS B 208 1.20 30.02 -22.45
N PRO B 209 1.63 28.99 -23.18
CA PRO B 209 2.88 28.34 -22.83
C PRO B 209 4.04 29.29 -23.09
N THR B 210 5.10 29.16 -22.28
CA THR B 210 6.25 30.03 -22.34
C THR B 210 7.54 29.33 -22.74
N LEU B 211 7.54 28.00 -22.90
CA LEU B 211 8.76 27.27 -23.17
C LEU B 211 8.64 26.58 -24.53
N PRO B 212 9.78 26.23 -25.16
CA PRO B 212 9.75 25.56 -26.45
C PRO B 212 8.90 24.30 -26.46
N GLY B 213 8.29 24.07 -27.62
CA GLY B 213 7.46 22.91 -27.82
C GLY B 213 6.07 23.08 -27.23
N GLY B 214 5.64 24.33 -26.96
CA GLY B 214 4.32 24.59 -26.42
C GLY B 214 4.18 24.15 -24.96
N LYS B 215 5.30 24.18 -24.22
CA LYS B 215 5.26 23.73 -22.83
C LYS B 215 5.07 24.90 -21.87
N TYR B 216 4.38 24.59 -20.76
CA TYR B 216 4.20 25.52 -19.68
C TYR B 216 5.36 25.36 -18.70
N ASP B 217 5.52 26.37 -17.84
CA ASP B 217 6.62 26.41 -16.90
C ASP B 217 6.11 26.30 -15.45
N TYR B 218 5.43 25.21 -15.15
CA TYR B 218 4.76 25.02 -13.88
C TYR B 218 4.99 23.62 -13.31
N THR B 219 6.17 23.04 -13.55
CA THR B 219 6.46 21.73 -12.97
C THR B 219 6.89 21.82 -11.51
N GLY B 220 6.61 20.76 -10.77
CA GLY B 220 7.03 20.70 -9.39
C GLY B 220 6.38 21.79 -8.58
N THR B 221 7.13 22.40 -7.67
CA THR B 221 6.49 23.40 -6.79
C THR B 221 6.36 24.78 -7.47
N LYS B 222 6.85 24.95 -8.72
CA LYS B 222 6.86 26.22 -9.45
C LYS B 222 5.43 26.74 -9.60
N GLY B 223 5.22 27.99 -9.15
CA GLY B 223 3.90 28.60 -9.23
C GLY B 223 3.16 28.64 -7.91
N CYS B 224 3.68 27.97 -6.88
CA CYS B 224 2.95 27.90 -5.63
C CYS B 224 2.85 29.28 -4.97
N LYS B 225 1.66 29.58 -4.45
CA LYS B 225 1.41 30.76 -3.64
C LYS B 225 1.49 30.45 -2.16
N ILE B 226 1.12 29.19 -1.81
CA ILE B 226 1.13 28.66 -0.45
C ILE B 226 1.81 27.30 -0.51
N ASP B 227 2.34 26.89 0.64
CA ASP B 227 3.21 25.73 0.67
C ASP B 227 2.52 24.40 0.86
N TRP B 228 1.23 24.37 1.10
CA TRP B 228 0.44 23.15 1.07
C TRP B 228 -0.98 23.50 0.73
N GLU B 229 -1.74 22.51 0.25
CA GLU B 229 -3.16 22.66 0.00
C GLU B 229 -3.86 22.96 1.33
N LEU B 230 -4.76 23.92 1.32
CA LEU B 230 -5.47 24.21 2.57
C LEU B 230 -6.20 22.97 3.07
N VAL B 231 -6.13 22.73 4.38
CA VAL B 231 -6.75 21.59 5.02
C VAL B 231 -8.23 21.89 5.20
N PRO B 232 -9.05 20.94 5.67
CA PRO B 232 -10.44 21.24 5.94
C PRO B 232 -10.51 22.27 7.07
N GLY B 233 -11.30 23.34 6.88
CA GLY B 233 -11.31 24.44 7.83
C GLY B 233 -10.06 25.32 7.74
N GLY B 234 -9.19 25.06 6.77
CA GLY B 234 -7.88 25.68 6.71
C GLY B 234 -7.86 27.12 6.24
N GLU B 235 -9.00 27.62 5.76
CA GLU B 235 -9.11 29.04 5.50
C GLU B 235 -8.80 29.87 6.74
N LEU B 236 -9.26 29.37 7.88
CA LEU B 236 -9.01 30.10 9.13
C LEU B 236 -7.54 30.08 9.48
N PHE B 237 -6.87 28.94 9.24
CA PHE B 237 -5.46 28.85 9.55
C PHE B 237 -4.65 29.79 8.66
N LEU B 238 -5.04 29.91 7.38
CA LEU B 238 -4.41 30.87 6.47
C LEU B 238 -4.59 32.30 6.98
N GLU B 239 -5.83 32.67 7.34
CA GLU B 239 -6.11 34.00 7.88
C GLU B 239 -5.28 34.33 9.12
N GLU B 240 -5.00 33.30 9.94
CA GLU B 240 -4.32 33.46 11.21
C GLU B 240 -2.80 33.41 11.07
N GLY B 241 -2.28 33.34 9.84
CA GLY B 241 -0.86 33.40 9.66
C GLY B 241 -0.12 32.08 9.86
N LYS B 242 -0.85 30.96 9.78
CA LYS B 242 -0.32 29.63 10.05
C LYS B 242 0.01 28.82 8.80
N VAL B 243 -0.12 29.40 7.60
CA VAL B 243 0.23 28.71 6.37
C VAL B 243 1.34 29.48 5.67
N THR B 244 2.49 28.87 5.43
CA THR B 244 3.61 29.56 4.81
C THR B 244 3.41 29.64 3.30
N GLY B 245 4.10 30.60 2.70
CA GLY B 245 4.04 30.76 1.25
C GLY B 245 4.32 32.19 0.83
N THR B 246 4.61 32.38 -0.46
CA THR B 246 5.02 33.69 -0.94
C THR B 246 3.88 34.61 -1.35
N ARG B 247 2.66 34.13 -1.52
CA ARG B 247 1.57 34.97 -1.98
C ARG B 247 0.29 34.63 -1.22
N GLN B 248 0.36 34.61 0.12
CA GLN B 248 -0.73 34.16 0.97
C GLN B 248 -2.02 34.92 0.82
N THR B 249 -1.95 36.23 0.51
CA THR B 249 -3.17 37.00 0.36
C THR B 249 -3.69 37.07 -1.07
N ASN B 250 -3.03 36.35 -2.00
CA ASN B 250 -3.46 36.33 -3.40
C ASN B 250 -4.06 34.97 -3.79
N VAL B 251 -4.15 34.06 -2.83
CA VAL B 251 -4.68 32.71 -3.11
C VAL B 251 -6.21 32.73 -3.11
N VAL B 252 -6.78 31.92 -4.00
CA VAL B 252 -8.19 31.60 -3.99
C VAL B 252 -8.48 30.14 -3.64
N ALA B 253 -7.47 29.28 -3.70
CA ALA B 253 -7.61 27.86 -3.38
C ALA B 253 -8.60 27.19 -4.34
N LEU B 254 -8.25 27.22 -5.64
CA LEU B 254 -8.98 26.38 -6.59
C LEU B 254 -8.97 24.93 -6.12
N ASP B 255 -10.08 24.25 -6.41
CA ASP B 255 -10.25 22.88 -5.95
C ASP B 255 -10.47 21.91 -7.10
N ALA B 256 -11.52 22.15 -7.90
CA ALA B 256 -11.92 21.18 -8.91
C ALA B 256 -12.51 21.90 -10.11
N PHE B 257 -12.48 21.23 -11.26
CA PHE B 257 -13.26 21.63 -12.42
C PHE B 257 -14.22 20.49 -12.71
N VAL B 258 -15.49 20.67 -12.28
CA VAL B 258 -16.48 19.63 -12.41
C VAL B 258 -17.38 19.92 -13.61
N TYR B 259 -17.91 18.86 -14.21
CA TYR B 259 -18.54 18.98 -15.52
C TYR B 259 -20.04 18.84 -15.45
N ASP B 260 -20.71 19.70 -16.23
CA ASP B 260 -22.12 19.52 -16.52
C ASP B 260 -22.25 18.27 -17.37
N PRO B 261 -23.02 17.26 -16.95
CA PRO B 261 -23.13 16.00 -17.71
C PRO B 261 -23.79 16.19 -19.07
N ARG B 262 -24.45 17.33 -19.26
CA ARG B 262 -25.09 17.64 -20.55
C ARG B 262 -24.10 18.23 -21.54
N GLY B 263 -22.87 18.44 -21.14
CA GLY B 263 -21.87 19.04 -21.99
C GLY B 263 -21.80 20.56 -21.82
N ARG B 264 -20.88 21.16 -22.56
CA ARG B 264 -20.71 22.60 -22.75
C ARG B 264 -20.05 23.33 -21.59
N TRP B 265 -20.49 23.07 -20.35
CA TRP B 265 -20.10 23.89 -19.20
C TRP B 265 -19.26 23.08 -18.22
N GLY B 266 -18.33 23.78 -17.55
CA GLY B 266 -17.67 23.25 -16.37
C GLY B 266 -17.71 24.30 -15.28
N ALA B 267 -17.62 23.83 -14.03
CA ALA B 267 -17.62 24.71 -12.89
C ALA B 267 -16.30 24.58 -12.14
N LEU B 268 -15.58 25.72 -12.01
CA LEU B 268 -14.32 25.77 -11.31
C LEU B 268 -14.57 26.30 -9.90
N SER B 269 -14.35 25.45 -8.90
CA SER B 269 -14.55 25.86 -7.53
C SER B 269 -13.33 26.58 -6.97
N ALA B 270 -13.58 27.69 -6.28
CA ALA B 270 -12.56 28.50 -5.61
C ALA B 270 -12.97 28.56 -4.15
N ARG B 271 -12.21 27.86 -3.31
CA ARG B 271 -12.62 27.65 -1.91
C ARG B 271 -12.69 28.93 -1.11
N LEU B 272 -11.65 29.76 -1.18
CA LEU B 272 -11.55 30.92 -0.31
C LEU B 272 -12.65 31.94 -0.57
N PRO B 273 -12.94 32.33 -1.83
CA PRO B 273 -14.04 33.25 -2.08
C PRO B 273 -15.42 32.60 -2.06
N GLY B 274 -15.46 31.26 -1.99
CA GLY B 274 -16.75 30.59 -2.02
C GLY B 274 -17.51 30.82 -3.31
N VAL B 275 -16.80 30.67 -4.44
CA VAL B 275 -17.36 30.90 -5.76
C VAL B 275 -17.11 29.72 -6.66
N ALA B 276 -18.08 29.42 -7.52
CA ALA B 276 -17.94 28.44 -8.59
C ALA B 276 -18.06 29.18 -9.89
N ILE B 277 -16.93 29.25 -10.62
CA ILE B 277 -16.86 29.99 -11.88
C ILE B 277 -17.25 29.06 -13.02
N ILE B 278 -18.31 29.41 -13.76
CA ILE B 278 -18.76 28.57 -14.84
C ILE B 278 -17.99 28.98 -16.10
N PHE B 279 -17.41 27.98 -16.76
CA PHE B 279 -16.70 28.18 -18.01
C PHE B 279 -17.43 27.54 -19.18
N ASP B 280 -17.37 28.24 -20.31
CA ASP B 280 -17.81 27.73 -21.60
C ASP B 280 -16.63 26.95 -22.20
N ARG B 281 -16.78 25.62 -22.30
CA ARG B 281 -15.71 24.75 -22.74
C ARG B 281 -15.51 24.82 -24.25
N GLN B 282 -16.43 25.46 -24.98
CA GLN B 282 -16.27 25.66 -26.41
C GLN B 282 -15.40 26.86 -26.73
N ASP B 283 -15.73 28.02 -26.11
CA ASP B 283 -15.04 29.28 -26.34
C ASP B 283 -13.89 29.49 -25.36
N TRP B 284 -13.84 28.68 -24.30
CA TRP B 284 -12.91 28.81 -23.21
C TRP B 284 -12.90 30.23 -22.65
N GLU B 285 -14.08 30.59 -22.14
CA GLU B 285 -14.23 31.83 -21.42
C GLU B 285 -15.10 31.59 -20.21
N PRO B 286 -14.79 32.27 -19.09
CA PRO B 286 -15.71 32.23 -17.94
C PRO B 286 -16.96 33.03 -18.25
N VAL B 287 -18.12 32.54 -17.82
CA VAL B 287 -19.37 33.19 -18.17
C VAL B 287 -20.16 33.73 -16.99
N VAL B 288 -20.05 33.17 -15.80
CA VAL B 288 -20.76 33.66 -14.65
C VAL B 288 -20.05 33.08 -13.43
N ALA B 289 -20.27 33.70 -12.29
CA ALA B 289 -19.68 33.24 -11.03
C ALA B 289 -20.80 32.95 -10.02
N LEU B 290 -21.01 31.68 -9.66
CA LEU B 290 -21.99 31.36 -8.65
C LEU B 290 -21.43 31.61 -7.26
N VAL B 291 -22.21 32.25 -6.38
CA VAL B 291 -21.75 32.61 -5.05
C VAL B 291 -22.36 31.64 -4.05
N GLY B 292 -21.56 30.90 -3.31
CA GLY B 292 -22.14 29.88 -2.43
C GLY B 292 -23.09 30.41 -1.35
N ALA B 293 -22.70 31.49 -0.69
CA ALA B 293 -23.23 31.80 0.64
C ALA B 293 -24.74 32.01 0.59
N LYS B 294 -25.41 31.44 1.62
CA LYS B 294 -26.81 31.71 1.88
C LYS B 294 -26.99 33.21 2.17
N GLY B 295 -28.00 33.80 1.54
CA GLY B 295 -28.30 35.21 1.70
C GLY B 295 -27.59 36.11 0.70
N GLU B 296 -26.64 35.56 -0.07
CA GLU B 296 -25.94 36.29 -1.10
C GLU B 296 -26.60 36.00 -2.45
N PRO B 297 -26.33 36.80 -3.48
CA PRO B 297 -26.96 36.57 -4.78
C PRO B 297 -26.64 35.19 -5.31
N SER B 298 -27.48 34.73 -6.23
CA SER B 298 -27.20 33.49 -6.93
C SER B 298 -25.83 33.52 -7.62
N SER B 299 -25.51 34.66 -8.23
CA SER B 299 -24.34 34.78 -9.06
C SER B 299 -23.88 36.23 -9.16
N LEU B 300 -22.66 36.39 -9.64
CA LEU B 300 -22.05 37.64 -9.95
C LEU B 300 -21.58 37.58 -11.40
N PRO B 301 -21.58 38.74 -12.09
CA PRO B 301 -21.12 38.77 -13.46
C PRO B 301 -19.61 38.61 -13.56
N VAL B 302 -19.16 38.14 -14.72
CA VAL B 302 -17.77 38.08 -15.08
C VAL B 302 -17.55 39.12 -16.17
N LYS B 303 -16.59 40.03 -15.95
CA LYS B 303 -16.34 41.10 -16.90
C LYS B 303 -15.03 40.84 -17.61
N LYS B 304 -15.05 40.90 -18.94
CA LYS B 304 -13.84 40.79 -19.73
C LYS B 304 -13.11 42.11 -19.71
N VAL B 305 -11.85 42.11 -19.28
CA VAL B 305 -11.07 43.33 -19.18
C VAL B 305 -9.88 43.39 -20.15
N ALA B 306 -9.56 42.26 -20.79
CA ALA B 306 -8.54 42.17 -21.83
C ALA B 306 -8.80 40.89 -22.63
N SER B 307 -8.04 40.62 -23.70
CA SER B 307 -8.30 39.47 -24.56
C SER B 307 -8.21 38.15 -23.78
N ASP B 308 -7.38 38.12 -22.76
CA ASP B 308 -7.15 36.88 -22.02
C ASP B 308 -7.47 37.05 -20.55
N THR B 309 -8.20 38.12 -20.15
CA THR B 309 -8.37 38.42 -18.74
C THR B 309 -9.83 38.79 -18.42
N TRP B 310 -10.35 38.23 -17.33
CA TRP B 310 -11.65 38.54 -16.81
C TRP B 310 -11.56 38.83 -15.32
N GLU B 311 -12.55 39.58 -14.83
CA GLU B 311 -12.60 39.91 -13.41
C GLU B 311 -13.99 39.61 -12.85
N ILE B 312 -13.97 39.25 -11.56
CA ILE B 312 -15.16 39.15 -10.69
C ILE B 312 -14.88 40.02 -9.48
N LYS B 313 -15.84 40.87 -9.15
CA LYS B 313 -15.70 41.80 -8.03
C LYS B 313 -16.62 41.40 -6.88
N MET B 314 -16.05 41.30 -5.70
CA MET B 314 -16.79 40.93 -4.51
C MET B 314 -16.59 41.96 -3.40
N ASP B 315 -17.72 42.49 -2.89
CA ASP B 315 -17.63 43.43 -1.80
C ASP B 315 -17.32 42.75 -0.47
N LYS B 316 -17.59 41.45 -0.38
CA LYS B 316 -17.31 40.70 0.82
C LYS B 316 -17.27 39.23 0.44
N VAL B 317 -16.65 38.42 1.28
CA VAL B 317 -16.78 36.98 1.20
C VAL B 317 -17.41 36.51 2.49
N VAL B 318 -18.66 36.06 2.39
CA VAL B 318 -19.40 35.68 3.59
C VAL B 318 -18.86 34.38 4.16
N THR B 319 -18.54 33.39 3.30
CA THR B 319 -18.06 32.12 3.77
C THR B 319 -17.30 31.40 2.64
N PRO B 320 -16.30 30.59 3.01
CA PRO B 320 -15.72 29.65 2.04
C PRO B 320 -16.72 28.58 1.66
N ALA B 321 -16.34 27.81 0.63
CA ALA B 321 -17.12 26.67 0.19
C ALA B 321 -16.17 25.62 -0.39
N HIS B 322 -16.62 24.38 -0.58
CA HIS B 322 -15.71 23.34 -1.08
C HIS B 322 -16.40 22.43 -2.10
N GLN B 323 -17.11 21.38 -1.64
CA GLN B 323 -17.61 20.39 -2.59
C GLN B 323 -18.55 21.08 -3.55
N ALA B 324 -18.46 20.67 -4.84
CA ALA B 324 -19.22 21.27 -5.92
C ALA B 324 -19.52 20.21 -6.96
N GLY B 325 -20.74 20.22 -7.49
CA GLY B 325 -21.01 19.30 -8.56
C GLY B 325 -22.45 19.28 -8.98
N PHE B 326 -22.66 18.53 -10.06
CA PHE B 326 -23.96 18.43 -10.72
C PHE B 326 -24.63 17.10 -10.42
N SER B 327 -25.96 17.12 -10.38
CA SER B 327 -26.73 15.91 -10.40
C SER B 327 -26.59 15.23 -11.76
N PRO B 328 -26.94 13.92 -11.85
CA PRO B 328 -26.71 13.20 -13.10
C PRO B 328 -27.42 13.78 -14.31
N ASP B 329 -28.60 14.35 -14.10
CA ASP B 329 -29.33 14.98 -15.18
C ASP B 329 -28.85 16.39 -15.51
N GLY B 330 -27.93 16.94 -14.74
CA GLY B 330 -27.40 18.27 -15.00
C GLY B 330 -28.31 19.43 -14.56
N LYS B 331 -29.45 19.10 -13.95
CA LYS B 331 -30.44 20.13 -13.66
C LYS B 331 -30.27 20.78 -12.29
N ASN B 332 -29.39 20.23 -11.46
CA ASN B 332 -29.04 20.81 -10.18
C ASN B 332 -27.53 20.92 -10.10
N PHE B 333 -27.09 22.01 -9.45
CA PHE B 333 -25.68 22.18 -9.09
C PHE B 333 -25.63 22.46 -7.59
N LEU B 334 -24.71 21.79 -6.91
CA LEU B 334 -24.54 21.88 -5.46
C LEU B 334 -23.19 22.51 -5.16
N PHE B 335 -23.15 23.32 -4.09
CA PHE B 335 -21.89 23.88 -3.58
C PHE B 335 -22.05 23.90 -2.06
N MET B 336 -21.10 23.26 -1.39
CA MET B 336 -21.18 23.14 0.06
C MET B 336 -20.45 24.28 0.75
N ASN B 337 -21.20 25.19 1.38
CA ASN B 337 -20.60 26.23 2.21
C ASN B 337 -20.03 25.59 3.47
N GLY B 338 -18.87 26.08 3.89
CA GLY B 338 -18.27 25.61 5.14
C GLY B 338 -17.62 26.76 5.87
N VAL B 339 -17.30 26.51 7.15
CA VAL B 339 -16.47 27.37 7.96
C VAL B 339 -17.27 28.47 8.61
N ARG B 340 -17.86 29.40 7.82
CA ARG B 340 -18.66 30.48 8.36
C ARG B 340 -20.16 30.21 8.21
N GLN B 341 -20.59 29.44 7.24
CA GLN B 341 -21.86 28.77 7.19
C GLN B 341 -21.56 27.31 6.95
N ASN B 342 -22.49 26.40 7.24
CA ASN B 342 -22.26 24.98 6.99
C ASN B 342 -23.57 24.46 6.38
N ASN B 343 -23.65 24.41 5.05
CA ASN B 343 -24.90 24.00 4.41
C ASN B 343 -24.58 23.54 3.00
N ILE B 344 -25.58 22.95 2.34
CA ILE B 344 -25.49 22.58 0.92
C ILE B 344 -26.37 23.53 0.15
N MET B 345 -25.77 24.35 -0.73
CA MET B 345 -26.52 25.29 -1.55
C MET B 345 -26.83 24.60 -2.88
N VAL B 346 -28.05 24.79 -3.37
CA VAL B 346 -28.52 24.14 -4.57
C VAL B 346 -29.02 25.19 -5.54
N TRP B 347 -28.56 25.10 -6.79
CA TRP B 347 -29.02 25.94 -7.90
C TRP B 347 -29.83 25.09 -8.88
N ASP B 348 -30.88 25.74 -9.45
CA ASP B 348 -31.60 25.23 -10.60
C ASP B 348 -30.79 25.55 -11.85
N THR B 349 -30.18 24.52 -12.42
CA THR B 349 -29.39 24.65 -13.62
C THR B 349 -30.09 24.00 -14.81
N SER B 350 -31.42 23.93 -14.75
CA SER B 350 -32.21 23.33 -15.81
C SER B 350 -32.02 24.02 -17.16
N ASN B 351 -31.73 25.33 -17.18
CA ASN B 351 -31.52 26.01 -18.46
C ASN B 351 -30.09 25.75 -18.95
N HIS B 352 -29.93 24.76 -19.83
CA HIS B 352 -28.67 24.31 -20.37
C HIS B 352 -28.11 25.44 -21.26
N ALA B 353 -28.98 26.28 -21.79
CA ALA B 353 -28.54 27.26 -22.78
C ALA B 353 -27.82 28.45 -22.16
N ASP B 354 -28.11 28.76 -20.89
CA ASP B 354 -27.64 30.03 -20.35
C ASP B 354 -27.38 30.00 -18.86
N PRO B 355 -26.11 29.75 -18.46
CA PRO B 355 -25.76 29.68 -17.05
C PRO B 355 -25.93 30.99 -16.27
N THR B 356 -26.04 32.12 -16.95
CA THR B 356 -26.34 33.35 -16.23
C THR B 356 -27.75 33.31 -15.63
N LYS B 357 -28.60 32.36 -16.06
CA LYS B 357 -29.93 32.20 -15.51
C LYS B 357 -30.00 31.19 -14.37
N TRP B 358 -28.88 30.56 -14.01
CA TRP B 358 -28.90 29.58 -12.93
C TRP B 358 -29.10 30.29 -11.59
N THR B 359 -30.07 29.79 -10.83
CA THR B 359 -30.54 30.50 -9.66
C THR B 359 -30.67 29.55 -8.47
N LYS B 360 -30.39 30.08 -7.28
CA LYS B 360 -30.50 29.29 -6.07
C LYS B 360 -31.95 28.85 -5.90
N LYS B 361 -32.12 27.58 -5.50
CA LYS B 361 -33.43 27.01 -5.33
C LYS B 361 -33.65 26.31 -3.99
N ALA B 362 -32.61 25.91 -3.27
CA ALA B 362 -32.81 25.18 -2.02
C ALA B 362 -31.51 25.26 -1.23
N VAL B 363 -31.62 24.99 0.06
CA VAL B 363 -30.45 24.88 0.90
C VAL B 363 -30.69 23.77 1.92
N VAL B 364 -29.72 22.86 2.08
CA VAL B 364 -29.81 21.79 3.06
C VAL B 364 -29.03 22.22 4.30
N GLU B 365 -29.71 22.26 5.44
CA GLU B 365 -29.15 22.68 6.72
C GLU B 365 -29.44 21.61 7.75
N ASP B 366 -28.76 21.67 8.89
CA ASP B 366 -29.06 20.77 10.00
C ASP B 366 -28.59 21.45 11.27
N PRO B 367 -29.29 21.22 12.41
CA PRO B 367 -28.81 21.79 13.68
C PRO B 367 -27.42 21.35 14.08
N GLY B 368 -27.02 20.15 13.60
CA GLY B 368 -25.73 19.60 13.87
C GLY B 368 -24.62 20.00 12.91
N TRP B 369 -24.92 20.86 11.94
CA TRP B 369 -23.97 21.34 10.94
C TRP B 369 -23.75 22.83 11.16
N ARG B 370 -22.64 23.15 11.83
CA ARG B 370 -22.23 24.52 12.12
C ARG B 370 -20.73 24.61 11.90
N GLY B 371 -20.25 25.78 11.52
CA GLY B 371 -18.81 26.00 11.49
C GLY B 371 -18.08 25.12 10.47
N SER B 372 -16.84 24.78 10.80
CA SER B 372 -15.97 24.03 9.88
C SER B 372 -16.28 22.55 9.76
N TYR B 373 -16.87 21.96 10.82
CA TYR B 373 -16.98 20.54 10.94
C TYR B 373 -18.42 20.20 11.28
N PRO B 374 -19.08 19.22 10.64
CA PRO B 374 -18.48 18.38 9.62
C PRO B 374 -18.13 19.16 8.37
N ASN B 375 -17.06 18.73 7.69
CA ASN B 375 -16.67 19.30 6.41
C ASN B 375 -17.19 18.35 5.34
N THR B 376 -18.12 18.81 4.53
CA THR B 376 -18.93 18.00 3.63
C THR B 376 -18.30 17.83 2.26
N PHE B 377 -17.07 17.35 2.23
CA PHE B 377 -16.17 17.65 1.13
C PHE B 377 -16.12 16.61 0.01
N HIS B 378 -17.03 15.60 0.00
CA HIS B 378 -17.19 14.69 -1.14
C HIS B 378 -18.65 14.31 -1.24
N MET B 379 -19.10 13.94 -2.46
CA MET B 379 -20.45 13.47 -2.64
C MET B 379 -20.55 12.50 -3.80
N VAL B 380 -21.66 11.76 -3.83
CA VAL B 380 -22.03 10.97 -5.01
C VAL B 380 -23.55 10.86 -5.04
N PHE B 381 -24.13 11.02 -6.24
CA PHE B 381 -25.55 10.84 -6.46
C PHE B 381 -25.87 9.39 -6.85
N THR B 382 -27.10 8.97 -6.54
CA THR B 382 -27.60 7.78 -7.17
C THR B 382 -27.85 8.05 -8.66
N PRO B 383 -27.73 7.03 -9.53
CA PRO B 383 -27.95 7.24 -10.95
C PRO B 383 -29.28 7.89 -11.28
N ASP B 384 -30.32 7.55 -10.53
CA ASP B 384 -31.65 8.12 -10.76
C ASP B 384 -31.83 9.50 -10.15
N GLY B 385 -30.80 10.05 -9.53
CA GLY B 385 -30.84 11.40 -8.99
C GLY B 385 -31.63 11.57 -7.70
N ARG B 386 -32.22 10.49 -7.15
CA ARG B 386 -33.10 10.66 -6.01
C ARG B 386 -32.39 10.96 -4.71
N LYS B 387 -31.16 10.51 -4.54
CA LYS B 387 -30.43 10.72 -3.31
C LYS B 387 -29.02 11.15 -3.63
N VAL B 388 -28.42 11.90 -2.70
CA VAL B 388 -26.99 12.21 -2.76
C VAL B 388 -26.41 11.86 -1.40
N TYR B 389 -25.27 11.18 -1.44
CA TYR B 389 -24.51 10.77 -0.27
C TYR B 389 -23.36 11.77 -0.13
N VAL B 390 -23.13 12.24 1.11
CA VAL B 390 -22.20 13.32 1.38
C VAL B 390 -21.30 12.92 2.53
N THR B 391 -20.00 13.07 2.35
CA THR B 391 -19.06 12.78 3.43
C THR B 391 -19.23 13.78 4.57
N LEU B 392 -19.09 13.26 5.81
CA LEU B 392 -19.08 14.09 7.01
C LEU B 392 -17.70 13.92 7.66
N TRP B 393 -16.79 14.87 7.39
CA TRP B 393 -15.43 14.79 7.88
C TRP B 393 -15.25 15.64 9.13
N TRP B 394 -14.49 15.10 10.09
CA TRP B 394 -14.12 15.84 11.30
C TRP B 394 -12.67 15.52 11.64
N PRO B 395 -11.97 16.43 12.32
CA PRO B 395 -10.70 16.07 12.93
C PRO B 395 -10.87 14.97 13.99
N SER B 396 -9.77 14.29 14.30
CA SER B 396 -9.79 13.35 15.40
C SER B 396 -10.21 14.05 16.68
N PRO B 397 -10.94 13.42 17.59
CA PRO B 397 -11.41 12.02 17.57
C PRO B 397 -12.87 11.86 17.23
N THR B 398 -13.50 12.85 16.61
CA THR B 398 -14.93 12.75 16.37
C THR B 398 -15.20 11.70 15.31
N PRO B 399 -16.17 10.79 15.48
CA PRO B 399 -16.45 9.84 14.42
C PRO B 399 -16.84 10.54 13.12
N ASN B 400 -16.27 10.08 12.01
CA ASN B 400 -16.65 10.59 10.69
C ASN B 400 -17.66 9.65 10.06
N GLY B 401 -18.37 10.14 9.04
CA GLY B 401 -19.36 9.26 8.44
C GLY B 401 -19.93 9.80 7.16
N ILE B 402 -21.18 9.38 6.90
CA ILE B 402 -21.85 9.63 5.63
C ILE B 402 -23.25 10.18 5.92
N ALA B 403 -23.58 11.28 5.26
CA ALA B 403 -24.94 11.82 5.27
C ALA B 403 -25.69 11.36 4.02
N VAL B 404 -26.98 11.07 4.20
CA VAL B 404 -27.86 10.71 3.10
C VAL B 404 -28.87 11.83 2.93
N VAL B 405 -28.87 12.46 1.75
CA VAL B 405 -29.70 13.59 1.45
C VAL B 405 -30.73 13.23 0.38
N ASP B 406 -31.98 13.64 0.61
CA ASP B 406 -33.04 13.56 -0.38
C ASP B 406 -32.82 14.63 -1.43
N ALA B 407 -32.50 14.23 -2.66
CA ALA B 407 -32.09 15.11 -3.74
C ALA B 407 -33.25 15.52 -4.64
N ARG B 408 -34.49 15.28 -4.16
CA ARG B 408 -35.67 15.82 -4.79
C ARG B 408 -36.23 16.93 -3.93
N ASN B 409 -36.38 16.66 -2.62
CA ASN B 409 -36.91 17.63 -1.66
C ASN B 409 -35.84 18.44 -0.97
N TRP B 410 -34.59 18.02 -1.11
CA TRP B 410 -33.45 18.75 -0.54
C TRP B 410 -33.54 18.84 0.98
N LYS B 411 -33.49 17.67 1.61
CA LYS B 411 -33.55 17.53 3.06
C LYS B 411 -32.59 16.42 3.48
N LEU B 412 -31.97 16.59 4.65
CA LEU B 412 -31.13 15.54 5.23
C LEU B 412 -32.02 14.43 5.75
N LEU B 413 -31.72 13.18 5.35
CA LEU B 413 -32.46 12.00 5.79
C LEU B 413 -31.84 11.28 6.97
N LYS B 414 -30.53 11.12 6.97
CA LYS B 414 -29.88 10.20 7.89
C LYS B 414 -28.40 10.51 7.90
N SER B 415 -27.72 10.21 9.00
CA SER B 415 -26.27 10.22 9.06
C SER B 415 -25.80 8.92 9.70
N VAL B 416 -24.71 8.35 9.19
CA VAL B 416 -24.18 7.08 9.67
C VAL B 416 -22.72 7.27 10.00
N ASP B 417 -22.30 6.82 11.16
CA ASP B 417 -20.89 6.87 11.56
C ASP B 417 -20.15 5.69 10.96
N ILE B 418 -18.92 5.95 10.50
CA ILE B 418 -18.08 5.00 9.79
C ILE B 418 -16.74 4.77 10.54
N GLY B 419 -15.98 5.81 10.77
CA GLY B 419 -14.62 5.65 11.27
C GLY B 419 -13.91 6.98 11.23
N PRO B 420 -12.61 6.95 11.45
CA PRO B 420 -11.84 8.18 11.40
C PRO B 420 -11.54 8.59 9.98
N ASP B 421 -11.56 9.92 9.74
CA ASP B 421 -11.00 10.48 8.52
C ASP B 421 -11.68 9.94 7.25
N MET B 422 -12.96 10.20 7.13
CA MET B 422 -13.73 9.76 5.97
C MET B 422 -13.44 10.62 4.74
N HIS B 423 -13.26 9.92 3.61
CA HIS B 423 -13.01 10.58 2.35
C HIS B 423 -14.09 10.25 1.33
N THR B 424 -13.71 9.90 0.10
CA THR B 424 -14.59 9.91 -1.05
C THR B 424 -15.60 8.78 -1.04
N LEU B 425 -16.63 9.07 -1.85
CA LEU B 425 -17.76 8.17 -2.06
C LEU B 425 -17.92 7.94 -3.56
N ALA B 426 -17.98 6.67 -3.94
CA ALA B 426 -18.33 6.23 -5.29
C ALA B 426 -19.60 5.41 -5.16
N ILE B 427 -20.20 5.06 -6.32
CA ILE B 427 -21.38 4.23 -6.32
C ILE B 427 -21.27 3.21 -7.45
N THR B 428 -21.73 1.99 -7.17
CA THR B 428 -21.84 1.02 -8.25
C THR B 428 -22.85 1.57 -9.26
N TYR B 429 -22.65 1.27 -10.55
CA TYR B 429 -23.41 2.02 -11.56
C TYR B 429 -24.84 1.54 -11.73
N ASP B 430 -25.16 0.40 -11.13
CA ASP B 430 -26.55 -0.04 -10.95
C ASP B 430 -27.27 0.67 -9.80
N GLY B 431 -26.58 1.57 -9.08
CA GLY B 431 -27.12 2.35 -7.99
C GLY B 431 -27.29 1.61 -6.68
N LYS B 432 -26.80 0.37 -6.57
CA LYS B 432 -27.14 -0.45 -5.41
C LYS B 432 -26.25 -0.25 -4.19
N TYR B 433 -24.97 0.12 -4.37
CA TYR B 433 -24.04 0.19 -3.26
C TYR B 433 -23.15 1.42 -3.39
N VAL B 434 -23.08 2.19 -2.30
CA VAL B 434 -22.04 3.22 -2.16
C VAL B 434 -20.79 2.57 -1.64
N VAL B 435 -19.65 2.97 -2.21
CA VAL B 435 -18.36 2.45 -1.81
C VAL B 435 -17.51 3.66 -1.45
N GLY B 436 -17.05 3.70 -0.20
CA GLY B 436 -16.29 4.83 0.29
C GLY B 436 -14.99 4.35 0.91
N VAL B 437 -14.16 5.35 1.23
CA VAL B 437 -12.87 5.07 1.85
C VAL B 437 -12.65 5.99 3.03
N PHE B 438 -12.00 5.46 4.07
CA PHE B 438 -11.56 6.26 5.21
C PHE B 438 -10.09 5.94 5.46
N SER B 439 -9.36 6.89 6.05
CA SER B 439 -7.95 7.00 5.70
C SER B 439 -7.03 7.28 6.90
N GLY B 440 -7.60 7.23 8.12
CA GLY B 440 -6.74 7.21 9.29
C GLY B 440 -5.93 8.46 9.57
N TYR B 441 -6.19 9.58 8.91
CA TYR B 441 -5.31 10.73 9.05
C TYR B 441 -3.86 10.34 8.73
N GLN B 442 -3.70 9.39 7.78
CA GLN B 442 -2.39 8.87 7.37
C GLN B 442 -1.67 8.10 8.46
N LYS B 443 -2.34 7.69 9.54
CA LYS B 443 -1.63 7.05 10.65
C LYS B 443 -2.44 6.06 11.46
N THR B 444 -3.79 6.13 11.48
CA THR B 444 -4.60 5.21 12.22
C THR B 444 -5.53 4.46 11.26
N ALA B 445 -6.70 4.06 11.74
CA ALA B 445 -7.49 3.08 11.05
C ALA B 445 -7.97 3.59 9.67
N SER B 446 -7.92 2.66 8.71
CA SER B 446 -8.28 2.91 7.33
C SER B 446 -9.07 1.73 6.81
N GLY B 447 -9.81 1.94 5.73
CA GLY B 447 -10.62 0.87 5.20
C GLY B 447 -11.46 1.31 4.02
N ILE B 448 -12.06 0.29 3.40
CA ILE B 448 -13.06 0.47 2.35
C ILE B 448 -14.40 0.11 2.96
N VAL B 449 -15.38 1.00 2.85
CA VAL B 449 -16.70 0.79 3.43
C VAL B 449 -17.71 0.66 2.32
N ILE B 450 -18.67 -0.24 2.49
CA ILE B 450 -19.69 -0.46 1.49
C ILE B 450 -21.04 -0.32 2.16
N MET B 451 -21.93 0.46 1.54
CA MET B 451 -23.25 0.79 2.08
C MET B 451 -24.34 0.42 1.06
N ASP B 452 -25.35 -0.29 1.52
CA ASP B 452 -26.53 -0.60 0.72
C ASP B 452 -27.40 0.64 0.58
N THR B 453 -27.71 1.07 -0.65
CA THR B 453 -28.49 2.28 -0.85
C THR B 453 -29.96 2.14 -0.59
N LYS B 454 -30.47 0.93 -0.50
CA LYS B 454 -31.89 0.78 -0.16
C LYS B 454 -32.10 0.97 1.34
N SER B 455 -31.33 0.30 2.19
CA SER B 455 -31.46 0.41 3.63
C SER B 455 -30.61 1.53 4.20
N ASP B 456 -29.65 2.07 3.44
CA ASP B 456 -28.69 3.02 3.97
C ASP B 456 -28.02 2.50 5.22
N GLU B 457 -27.58 1.24 5.12
CA GLU B 457 -26.80 0.59 6.16
C GLU B 457 -25.47 0.12 5.59
N VAL B 458 -24.43 0.20 6.42
CA VAL B 458 -23.15 -0.37 6.07
C VAL B 458 -23.28 -1.89 6.03
N VAL B 459 -22.83 -2.50 4.92
CA VAL B 459 -22.78 -3.94 4.84
C VAL B 459 -21.42 -4.51 5.21
N GLY B 460 -20.36 -3.74 5.10
CA GLY B 460 -19.09 -4.24 5.57
C GLY B 460 -17.97 -3.25 5.33
N ILE B 461 -16.86 -3.54 6.01
CA ILE B 461 -15.58 -2.89 5.80
C ILE B 461 -14.57 -3.94 5.34
N LEU B 462 -13.77 -3.57 4.35
CA LEU B 462 -12.66 -4.36 3.86
C LEU B 462 -11.37 -3.63 4.19
N PRO B 463 -10.28 -4.37 4.43
CA PRO B 463 -9.03 -3.74 4.81
C PRO B 463 -8.50 -2.93 3.66
N SER B 464 -7.71 -1.90 4.01
CA SER B 464 -7.13 -1.05 3.00
C SER B 464 -5.85 -0.38 3.52
N VAL B 465 -4.71 -0.72 2.94
CA VAL B 465 -3.48 -0.01 3.23
C VAL B 465 -3.48 1.19 2.33
N GLY B 466 -4.00 2.28 2.86
CA GLY B 466 -4.18 3.46 2.06
C GLY B 466 -4.59 4.64 2.92
N GLY B 467 -4.14 5.80 2.46
CA GLY B 467 -4.55 7.07 2.98
C GLY B 467 -5.44 7.84 2.03
N HIS B 468 -5.99 7.14 1.04
CA HIS B 468 -6.86 7.61 -0.03
C HIS B 468 -7.69 8.83 0.31
N HIS B 469 -7.54 9.84 -0.56
CA HIS B 469 -8.44 10.97 -0.64
C HIS B 469 -9.28 10.93 -1.91
N ASP B 470 -9.29 9.79 -2.61
CA ASP B 470 -10.15 9.62 -3.76
C ASP B 470 -10.49 8.13 -3.85
N CYS B 471 -11.44 7.86 -4.75
CA CYS B 471 -11.78 6.51 -5.15
C CYS B 471 -12.73 6.61 -6.34
N VAL B 472 -12.64 5.62 -7.22
CA VAL B 472 -13.55 5.54 -8.36
C VAL B 472 -13.90 4.07 -8.59
N ILE B 473 -15.08 3.85 -9.15
CA ILE B 473 -15.44 2.56 -9.72
C ILE B 473 -15.22 2.66 -11.20
N VAL B 474 -14.48 1.72 -11.80
CA VAL B 474 -14.14 1.90 -13.21
C VAL B 474 -15.43 1.84 -14.04
N PRO B 475 -15.71 2.88 -14.85
CA PRO B 475 -16.97 2.92 -15.62
C PRO B 475 -16.87 2.13 -16.93
N LYS B 476 -18.03 1.73 -17.42
CA LYS B 476 -18.13 1.10 -18.72
C LYS B 476 -18.61 2.05 -19.79
N THR B 477 -19.43 3.02 -19.44
CA THR B 477 -20.11 3.89 -20.39
C THR B 477 -19.94 5.35 -20.03
N VAL B 478 -20.24 6.23 -20.99
CA VAL B 478 -20.29 7.66 -20.67
C VAL B 478 -21.44 7.95 -19.69
N GLU B 479 -22.53 7.20 -19.77
CA GLU B 479 -23.58 7.43 -18.78
C GLU B 479 -23.08 7.17 -17.37
N ASP B 480 -22.24 6.16 -17.18
CA ASP B 480 -21.68 5.92 -15.85
C ASP B 480 -20.94 7.14 -15.30
N LEU B 481 -20.27 7.90 -16.16
CA LEU B 481 -19.51 9.05 -15.69
C LEU B 481 -20.40 10.08 -15.00
N ARG B 482 -21.70 10.05 -15.28
CA ARG B 482 -22.58 11.00 -14.59
C ARG B 482 -22.58 10.82 -13.08
N CYS B 483 -22.18 9.65 -12.61
CA CYS B 483 -22.08 9.37 -11.18
C CYS B 483 -20.66 8.90 -10.83
N SER B 484 -19.67 9.45 -11.54
CA SER B 484 -18.26 9.16 -11.25
C SER B 484 -17.51 10.47 -11.09
N ARG B 485 -16.19 10.40 -11.22
CA ARG B 485 -15.31 11.52 -10.96
C ARG B 485 -15.23 12.37 -12.22
N CYS B 486 -16.32 13.14 -12.40
CA CYS B 486 -16.65 13.87 -13.60
C CYS B 486 -17.56 15.02 -13.18
N THR B 487 -18.72 14.65 -12.65
CA THR B 487 -19.73 15.60 -12.24
C THR B 487 -19.57 16.09 -10.80
N THR B 488 -18.86 15.34 -9.95
CA THR B 488 -18.68 15.68 -8.54
C THR B 488 -17.29 15.21 -8.15
N THR B 489 -16.81 15.67 -6.97
CA THR B 489 -15.60 15.13 -6.39
C THR B 489 -15.84 14.42 -5.04
#